data_8EG6
#
_entry.id   8EG6
#
_cell.length_a   84.580
_cell.length_b   60.730
_cell.length_c   101.700
_cell.angle_alpha   90.000
_cell.angle_beta   91.040
_cell.angle_gamma   90.000
#
_symmetry.space_group_name_H-M   'P 1 21 1'
#
loop_
_entity.id
_entity.type
_entity.pdbx_description
1 polymer 'Caspase-6 subunit p18'
2 polymer 'Caspase-6 subunit p11'
3 non-polymer 'CHLORIDE ION'
4 non-polymer 1,2-ETHANEDIOL
5 non-polymer (3R)-1-(ethanesulfonyl)-N-[4-(trifluoromethoxy)phenyl]piperidine-3-carboxamide
6 non-polymer DI(HYDROXYETHYL)ETHER
7 water water
#
loop_
_entity_poly.entity_id
_entity_poly.type
_entity_poly.pdbx_seq_one_letter_code
_entity_poly.pdbx_strand_id
1 'polypeptide(L)'
;MFDPAEKYKMDHRRRGIALIFNHERFFWHLTLPERRGTCADRDNLTRRFSDLGFEVKCFNDLKAEELLLKIHEVSTVSHA
DADCFVCVFLSHGEGNHIYAYDAKIEIQTLTGLFKGDKCHSLVGKPKIFIIQACRGNQHDVPVIPLDVVD
;
A,C,E,G
2 'polypeptide(L)'
;MAASVYTLPAGADFLMCYSVAEGYYSHRETVNGSWYIQDLCEMLGKYGSSLEFTELLTLVNRKVSQRRVDFCKDPSAIGK
KQVPCFASMLTKKLHFFPKSNLEHHHHHH
;
B,D,F,H
#
# COMPACT_ATOMS: atom_id res chain seq x y z
N PHE A 2 -16.85 32.39 19.64
CA PHE A 2 -15.95 31.72 18.64
C PHE A 2 -15.16 32.79 17.86
N ASP A 3 -13.88 32.99 18.18
CA ASP A 3 -13.08 34.14 17.65
C ASP A 3 -12.23 33.64 16.49
N PRO A 4 -12.50 34.09 15.24
CA PRO A 4 -11.76 33.63 14.07
C PRO A 4 -10.27 33.99 14.09
N ALA A 5 -9.84 34.93 14.95
CA ALA A 5 -8.43 35.38 15.05
C ALA A 5 -7.71 34.65 16.20
N GLU A 6 -8.35 33.66 16.80
CA GLU A 6 -7.77 32.94 17.98
C GLU A 6 -6.40 32.35 17.63
N LYS A 7 -5.44 32.61 18.49
CA LYS A 7 -4.02 32.17 18.38
C LYS A 7 -3.78 31.11 19.47
N TYR A 8 -2.93 30.13 19.20
CA TYR A 8 -2.37 29.30 20.29
C TYR A 8 -1.76 30.23 21.34
N LYS A 9 -1.91 29.83 22.60
CA LYS A 9 -1.18 30.39 23.78
C LYS A 9 0.32 30.16 23.60
N MET A 10 1.10 31.21 23.35
CA MET A 10 2.56 31.08 23.13
C MET A 10 3.33 31.93 24.17
N ASP A 11 2.82 32.00 25.39
CA ASP A 11 3.43 32.83 26.46
C ASP A 11 3.86 31.92 27.63
N HIS A 12 4.23 30.69 27.33
CA HIS A 12 4.82 29.76 28.34
C HIS A 12 6.26 30.19 28.62
N ARG A 13 6.87 29.63 29.68
CA ARG A 13 8.26 29.98 30.07
CA ARG A 13 8.26 30.01 30.06
C ARG A 13 9.22 29.68 28.90
N ARG A 14 9.00 28.58 28.20
CA ARG A 14 9.92 28.10 27.13
CA ARG A 14 9.92 28.10 27.13
C ARG A 14 9.15 27.96 25.79
N ARG A 15 9.82 28.21 24.68
CA ARG A 15 9.24 27.88 23.37
C ARG A 15 9.00 26.37 23.28
N GLY A 16 10.00 25.59 23.66
CA GLY A 16 9.95 24.13 23.56
C GLY A 16 11.10 23.58 22.77
N ILE A 17 11.12 22.26 22.61
CA ILE A 17 12.25 21.54 21.96
C ILE A 17 12.00 21.52 20.46
N ALA A 18 13.06 21.74 19.67
CA ALA A 18 13.13 21.36 18.25
C ALA A 18 14.11 20.19 18.11
N LEU A 19 13.59 18.99 17.84
CA LEU A 19 14.38 17.75 17.62
C LEU A 19 14.76 17.68 16.15
N ILE A 20 16.01 17.49 15.81
CA ILE A 20 16.45 17.34 14.39
C ILE A 20 17.18 16.01 14.25
N PHE A 21 16.63 15.11 13.44
CA PHE A 21 17.26 13.83 13.07
C PHE A 21 17.86 14.02 11.69
N ASN A 22 19.18 14.06 11.64
CA ASN A 22 19.97 14.43 10.44
C ASN A 22 20.66 13.17 9.91
N HIS A 23 20.35 12.73 8.69
CA HIS A 23 20.84 11.44 8.13
C HIS A 23 21.62 11.72 6.86
N GLU A 24 22.94 11.51 6.92
CA GLU A 24 23.83 11.85 5.78
C GLU A 24 24.22 10.59 5.00
N ARG A 25 24.48 9.51 5.72
CA ARG A 25 24.95 8.22 5.16
C ARG A 25 24.13 7.11 5.80
N PHE A 26 24.08 5.97 5.13
CA PHE A 26 23.21 4.86 5.52
C PHE A 26 24.03 3.57 5.52
N PHE A 27 23.55 2.61 6.29
CA PHE A 27 24.11 1.25 6.34
C PHE A 27 24.26 0.75 4.89
N TRP A 28 25.46 0.28 4.56
CA TRP A 28 25.89 0.01 3.17
C TRP A 28 24.87 -0.91 2.49
N HIS A 29 24.27 -1.86 3.23
CA HIS A 29 23.33 -2.86 2.67
C HIS A 29 21.95 -2.26 2.35
N LEU A 30 21.69 -0.98 2.70
CA LEU A 30 20.43 -0.32 2.28
C LEU A 30 20.55 0.21 0.85
N THR A 31 21.77 0.40 0.33
CA THR A 31 22.02 0.90 -1.06
C THR A 31 21.26 2.22 -1.24
N LEU A 32 21.38 3.11 -0.25
CA LEU A 32 20.73 4.44 -0.28
C LEU A 32 21.82 5.44 -0.59
N PRO A 33 21.54 6.43 -1.44
CA PRO A 33 22.54 7.45 -1.74
C PRO A 33 22.81 8.35 -0.52
N GLU A 34 24.06 8.78 -0.38
CA GLU A 34 24.50 9.76 0.64
C GLU A 34 23.75 11.06 0.39
N ARG A 35 23.50 11.84 1.45
CA ARG A 35 22.68 13.08 1.39
C ARG A 35 23.61 14.27 1.55
N ARG A 36 24.53 14.44 0.59
CA ARG A 36 25.48 15.57 0.57
C ARG A 36 24.68 16.87 0.60
N GLY A 37 25.00 17.74 1.56
CA GLY A 37 24.34 19.03 1.75
C GLY A 37 23.44 19.00 2.98
N THR A 38 23.15 17.83 3.54
CA THR A 38 22.23 17.76 4.71
C THR A 38 22.83 18.51 5.90
N CYS A 39 24.16 18.52 6.03
CA CYS A 39 24.90 19.22 7.11
CA CYS A 39 24.78 19.19 7.21
C CYS A 39 24.53 20.71 7.12
N ALA A 40 24.47 21.28 5.91
CA ALA A 40 24.11 22.70 5.71
C ALA A 40 22.67 22.91 6.18
N ASP A 41 21.79 22.01 5.78
CA ASP A 41 20.35 22.09 6.18
C ASP A 41 20.27 22.05 7.71
N ARG A 42 20.92 21.06 8.33
CA ARG A 42 20.84 20.89 9.80
C ARG A 42 21.31 22.17 10.52
N ASP A 43 22.44 22.73 10.08
CA ASP A 43 23.03 23.94 10.71
C ASP A 43 22.08 25.14 10.50
N ASN A 44 21.52 25.28 9.30
CA ASN A 44 20.60 26.38 8.91
C ASN A 44 19.37 26.32 9.82
N LEU A 45 18.77 25.14 9.95
CA LEU A 45 17.57 24.96 10.82
C LEU A 45 17.93 25.25 12.28
N THR A 46 19.10 24.77 12.73
CA THR A 46 19.51 24.97 14.14
C THR A 46 19.54 26.46 14.43
N ARG A 47 20.13 27.25 13.55
CA ARG A 47 20.24 28.72 13.73
C ARG A 47 18.84 29.32 13.75
N ARG A 48 17.99 28.98 12.78
CA ARG A 48 16.69 29.65 12.60
C ARG A 48 15.78 29.28 13.76
N PHE A 49 15.75 28.01 14.18
CA PHE A 49 14.86 27.60 15.28
C PHE A 49 15.41 28.14 16.60
N SER A 50 16.75 28.20 16.77
CA SER A 50 17.34 28.79 18.01
CA SER A 50 17.34 28.79 18.01
C SER A 50 16.91 30.26 18.13
N ASP A 51 16.91 30.97 17.02
CA ASP A 51 16.56 32.41 16.98
C ASP A 51 15.08 32.59 17.34
N LEU A 52 14.26 31.56 17.13
CA LEU A 52 12.81 31.60 17.48
C LEU A 52 12.57 31.08 18.90
N GLY A 53 13.64 30.82 19.67
CA GLY A 53 13.54 30.49 21.09
C GLY A 53 13.54 28.99 21.37
N PHE A 54 13.59 28.12 20.35
CA PHE A 54 13.60 26.66 20.55
C PHE A 54 14.92 26.21 21.17
N GLU A 55 14.84 25.21 22.04
CA GLU A 55 15.97 24.36 22.47
C GLU A 55 16.20 23.30 21.39
N VAL A 56 17.19 23.51 20.54
CA VAL A 56 17.44 22.62 19.37
C VAL A 56 18.32 21.46 19.83
N LYS A 57 17.87 20.24 19.60
CA LYS A 57 18.62 19.02 19.95
C LYS A 57 18.79 18.23 18.67
N CYS A 58 20.01 18.18 18.14
N CYS A 58 20.02 18.16 18.18
CA CYS A 58 20.34 17.55 16.85
CA CYS A 58 20.35 17.53 16.89
C CYS A 58 20.96 16.17 17.12
C CYS A 58 20.97 16.16 17.13
N PHE A 59 20.62 15.17 16.31
CA PHE A 59 21.24 13.83 16.34
C PHE A 59 21.60 13.45 14.91
N ASN A 60 22.84 13.04 14.71
CA ASN A 60 23.36 12.66 13.38
C ASN A 60 23.39 11.14 13.26
N ASP A 61 22.79 10.62 12.19
CA ASP A 61 22.97 9.22 11.71
C ASP A 61 22.63 8.21 12.80
N LEU A 62 21.59 8.48 13.61
CA LEU A 62 21.15 7.49 14.62
C LEU A 62 20.62 6.23 13.92
N LYS A 63 20.90 5.09 14.53
CA LYS A 63 20.24 3.82 14.16
C LYS A 63 18.82 3.83 14.73
N ALA A 64 17.97 2.97 14.19
CA ALA A 64 16.52 2.95 14.50
C ALA A 64 16.31 2.88 16.01
N GLU A 65 17.01 1.98 16.73
CA GLU A 65 16.83 1.83 18.18
C GLU A 65 17.09 3.15 18.93
N GLU A 66 18.19 3.80 18.59
CA GLU A 66 18.65 5.05 19.22
C GLU A 66 17.63 6.17 18.91
N LEU A 67 17.17 6.23 17.66
CA LEU A 67 16.23 7.30 17.24
C LEU A 67 14.92 7.14 18.03
N LEU A 68 14.41 5.91 18.10
CA LEU A 68 13.14 5.62 18.83
C LEU A 68 13.32 5.93 20.32
N LEU A 69 14.42 5.54 20.93
CA LEU A 69 14.68 5.86 22.37
C LEU A 69 14.63 7.38 22.57
N LYS A 70 15.29 8.13 21.70
CA LYS A 70 15.42 9.60 21.85
C LYS A 70 14.06 10.26 21.70
N ILE A 71 13.31 9.88 20.67
CA ILE A 71 11.99 10.53 20.43
C ILE A 71 10.99 10.08 21.51
N HIS A 72 11.05 8.84 21.93
CA HIS A 72 10.19 8.36 23.06
C HIS A 72 10.50 9.17 24.32
N GLU A 73 11.78 9.40 24.60
CA GLU A 73 12.22 10.21 25.79
C GLU A 73 11.57 11.58 25.71
N VAL A 74 11.69 12.25 24.57
CA VAL A 74 11.16 13.61 24.41
C VAL A 74 9.62 13.58 24.56
N SER A 75 8.95 12.51 24.13
CA SER A 75 7.47 12.41 24.24
C SER A 75 7.03 12.20 25.69
N THR A 76 7.91 11.73 26.58
CA THR A 76 7.54 11.34 27.97
C THR A 76 8.08 12.35 28.99
N VAL A 77 8.81 13.37 28.58
CA VAL A 77 9.19 14.50 29.50
C VAL A 77 8.03 15.48 29.55
N SER A 78 8.03 16.38 30.53
CA SER A 78 6.98 17.41 30.70
C SER A 78 7.20 18.55 29.70
N HIS A 79 6.20 18.88 28.91
CA HIS A 79 6.14 20.08 28.05
C HIS A 79 5.19 21.09 28.68
N ALA A 80 4.85 20.95 29.97
CA ALA A 80 3.86 21.82 30.65
C ALA A 80 4.29 23.29 30.55
N ASP A 81 5.59 23.57 30.57
CA ASP A 81 6.10 24.97 30.54
C ASP A 81 6.57 25.35 29.13
N ALA A 82 6.12 24.63 28.09
CA ALA A 82 6.53 24.88 26.69
C ALA A 82 5.31 25.28 25.84
N ASP A 83 5.55 26.09 24.83
CA ASP A 83 4.55 26.56 23.84
C ASP A 83 4.21 25.42 22.89
N CYS A 84 5.21 24.66 22.45
CA CYS A 84 4.98 23.74 21.31
C CYS A 84 6.16 22.78 21.17
N PHE A 85 6.06 21.92 20.17
CA PHE A 85 7.07 20.90 19.87
C PHE A 85 7.32 20.90 18.37
N VAL A 86 8.60 20.87 17.99
CA VAL A 86 9.03 20.68 16.58
C VAL A 86 9.90 19.44 16.45
N CYS A 87 9.71 18.67 15.40
CA CYS A 87 10.49 17.47 15.10
C CYS A 87 10.82 17.49 13.62
N VAL A 88 12.10 17.40 13.26
CA VAL A 88 12.54 17.47 11.85
C VAL A 88 13.23 16.16 11.48
N PHE A 89 12.91 15.62 10.34
CA PHE A 89 13.60 14.46 9.75
C PHE A 89 14.22 14.91 8.43
N LEU A 90 15.54 14.76 8.34
CA LEU A 90 16.32 15.00 7.13
C LEU A 90 16.87 13.64 6.71
N SER A 91 16.21 12.97 5.77
CA SER A 91 16.56 11.57 5.44
C SER A 91 15.90 11.16 4.14
N HIS A 92 16.08 9.90 3.79
CA HIS A 92 15.29 9.23 2.74
C HIS A 92 14.04 8.67 3.40
N GLY A 93 13.02 8.45 2.59
CA GLY A 93 11.76 7.84 3.01
C GLY A 93 11.35 6.75 2.05
N GLU A 94 10.31 6.03 2.41
CA GLU A 94 9.67 5.04 1.51
C GLU A 94 8.21 4.97 1.98
N GLY A 95 7.26 5.34 1.13
CA GLY A 95 5.84 5.35 1.51
C GLY A 95 5.65 6.18 2.77
N ASN A 96 5.04 5.62 3.80
CA ASN A 96 4.81 6.35 5.08
CA ASN A 96 4.81 6.32 5.07
C ASN A 96 5.89 5.93 6.09
N HIS A 97 7.13 5.78 5.61
CA HIS A 97 8.31 5.44 6.44
C HIS A 97 9.38 6.50 6.25
N ILE A 98 10.18 6.69 7.29
CA ILE A 98 11.45 7.45 7.22
C ILE A 98 12.59 6.47 7.53
N TYR A 99 13.75 6.67 6.91
CA TYR A 99 14.97 5.88 7.18
C TYR A 99 15.77 6.48 8.34
N ALA A 100 16.07 5.65 9.31
CA ALA A 100 17.24 5.81 10.21
C ALA A 100 18.48 5.34 9.46
N TYR A 101 19.59 5.21 10.16
CA TYR A 101 20.87 4.78 9.53
C TYR A 101 20.71 3.38 8.92
N ASP A 102 19.98 2.50 9.60
CA ASP A 102 20.05 1.03 9.38
C ASP A 102 18.72 0.47 8.88
N ALA A 103 17.61 1.21 9.00
CA ALA A 103 16.28 0.66 8.72
C ALA A 103 15.24 1.76 8.65
N LYS A 104 14.09 1.44 8.09
CA LYS A 104 12.97 2.39 8.02
C LYS A 104 12.02 2.22 9.20
N ILE A 105 11.36 3.31 9.53
CA ILE A 105 10.43 3.42 10.69
C ILE A 105 9.13 4.02 10.16
N GLU A 106 7.98 3.47 10.58
CA GLU A 106 6.65 4.01 10.23
C GLU A 106 6.52 5.41 10.84
N ILE A 107 6.16 6.39 10.02
CA ILE A 107 6.04 7.79 10.50
C ILE A 107 4.93 7.83 11.57
N GLN A 108 3.88 7.01 11.43
CA GLN A 108 2.74 7.01 12.41
C GLN A 108 3.25 6.60 13.79
N THR A 109 4.27 5.74 13.90
CA THR A 109 4.82 5.38 15.24
CA THR A 109 4.87 5.37 15.21
C THR A 109 5.46 6.61 15.88
N LEU A 110 6.08 7.48 15.08
CA LEU A 110 6.82 8.64 15.61
C LEU A 110 5.82 9.74 15.99
N THR A 111 4.87 10.07 15.12
CA THR A 111 3.85 11.11 15.41
C THR A 111 2.95 10.60 16.53
N GLY A 112 2.66 9.30 16.55
CA GLY A 112 1.74 8.69 17.52
C GLY A 112 2.17 8.96 18.97
N LEU A 113 3.47 9.02 19.24
CA LEU A 113 4.04 9.25 20.60
C LEU A 113 3.57 10.61 21.13
N PHE A 114 3.22 11.56 20.26
CA PHE A 114 2.92 12.96 20.65
C PHE A 114 1.42 13.22 20.59
N LYS A 115 0.64 12.20 20.23
CA LYS A 115 -0.83 12.36 20.24
C LYS A 115 -1.29 12.62 21.67
N GLY A 116 -2.47 13.20 21.81
CA GLY A 116 -2.94 13.72 23.09
C GLY A 116 -3.07 12.65 24.14
N ASP A 117 -3.32 11.40 23.72
CA ASP A 117 -3.53 10.27 24.66
C ASP A 117 -2.18 9.69 25.12
N LYS A 118 -1.08 10.02 24.45
CA LYS A 118 0.27 9.56 24.82
C LYS A 118 1.08 10.69 25.45
N CYS A 119 0.83 11.95 25.08
CA CYS A 119 1.63 13.12 25.54
C CYS A 119 0.71 14.19 26.12
N HIS A 120 0.31 14.02 27.37
CA HIS A 120 -0.73 14.88 27.99
C HIS A 120 -0.30 16.34 28.02
N SER A 121 0.97 16.63 28.28
CA SER A 121 1.43 18.03 28.46
C SER A 121 1.55 18.77 27.12
N LEU A 122 1.37 18.11 25.96
CA LEU A 122 1.26 18.86 24.67
C LEU A 122 -0.19 18.93 24.19
N VAL A 123 -1.16 18.47 24.97
CA VAL A 123 -2.58 18.60 24.58
C VAL A 123 -2.94 20.09 24.45
N GLY A 124 -3.53 20.47 23.31
CA GLY A 124 -3.91 21.87 23.03
C GLY A 124 -2.75 22.68 22.47
N LYS A 125 -1.59 22.06 22.32
CA LYS A 125 -0.38 22.75 21.82
C LYS A 125 0.03 22.18 20.46
N PRO A 126 0.62 23.01 19.59
CA PRO A 126 1.02 22.56 18.26
C PRO A 126 2.18 21.56 18.32
N LYS A 127 2.05 20.49 17.57
CA LYS A 127 3.09 19.49 17.26
C LYS A 127 3.42 19.66 15.78
N ILE A 128 4.64 20.08 15.48
CA ILE A 128 5.04 20.41 14.09
C ILE A 128 6.10 19.42 13.64
N PHE A 129 5.81 18.63 12.62
CA PHE A 129 6.74 17.66 11.99
C PHE A 129 7.16 18.23 10.65
N ILE A 130 8.48 18.26 10.40
CA ILE A 130 9.05 18.76 9.14
C ILE A 130 9.88 17.64 8.53
N ILE A 131 9.55 17.23 7.31
CA ILE A 131 10.19 16.04 6.68
C ILE A 131 10.73 16.43 5.31
N GLN A 132 12.06 16.48 5.21
CA GLN A 132 12.79 16.62 3.94
C GLN A 132 13.18 15.21 3.48
N ALA A 133 12.44 14.71 2.48
CA ALA A 133 12.57 13.35 1.91
C ALA A 133 11.81 13.34 0.58
N CYS A 134 12.36 12.66 -0.43
CA CYS A 134 11.63 12.35 -1.70
C CYS A 134 10.44 11.47 -1.31
N ARG A 135 9.31 11.61 -2.01
CA ARG A 135 8.08 10.82 -1.69
C ARG A 135 7.64 10.00 -2.91
N GLY A 136 8.55 9.78 -3.86
CA GLY A 136 8.26 8.88 -4.99
C GLY A 136 9.29 9.07 -6.07
N ASN A 137 8.99 8.62 -7.28
CA ASN A 137 10.00 8.59 -8.36
C ASN A 137 9.49 9.36 -9.58
N GLN A 138 8.58 10.32 -9.40
CA GLN A 138 8.14 11.22 -10.50
C GLN A 138 8.79 12.59 -10.32
N HIS A 139 9.34 13.16 -11.41
CA HIS A 139 9.79 14.56 -11.45
C HIS A 139 8.63 15.43 -11.85
N ASP A 140 8.31 16.47 -11.09
CA ASP A 140 7.25 17.40 -11.53
C ASP A 140 7.79 18.22 -12.70
N VAL A 141 6.89 18.64 -13.58
CA VAL A 141 7.26 19.27 -14.88
C VAL A 141 6.89 20.74 -14.86
N PRO A 142 7.65 21.58 -15.60
CA PRO A 142 7.38 23.01 -15.63
C PRO A 142 6.22 23.38 -16.56
N VAL A 143 5.45 24.36 -16.12
CA VAL A 143 4.30 24.94 -16.87
C VAL A 143 4.31 26.45 -16.68
N ILE A 144 3.65 27.15 -17.60
CA ILE A 144 3.57 28.63 -17.60
C ILE A 144 2.10 29.00 -17.72
N PRO A 145 1.66 30.05 -17.01
CA PRO A 145 0.27 30.51 -17.08
C PRO A 145 -0.12 30.95 -18.50
N LEU A 146 -1.37 30.76 -18.90
CA LEU A 146 -1.84 31.00 -20.30
C LEU A 146 -1.71 32.50 -20.63
N ASP A 147 -1.78 33.35 -19.59
CA ASP A 147 -1.78 34.84 -19.62
C ASP A 147 -0.52 35.39 -20.30
N VAL A 148 0.65 34.83 -19.99
CA VAL A 148 1.97 35.33 -20.50
C VAL A 148 2.29 34.65 -21.84
N SER B 4 -12.67 24.62 26.42
CA SER B 4 -13.19 24.83 27.80
C SER B 4 -14.25 23.77 28.11
N VAL B 5 -15.28 23.65 27.25
CA VAL B 5 -16.48 22.78 27.47
C VAL B 5 -16.32 21.46 26.68
N TYR B 6 -15.41 21.42 25.71
CA TYR B 6 -15.32 20.37 24.66
C TYR B 6 -14.05 19.55 24.88
N THR B 7 -14.08 18.28 24.55
CA THR B 7 -12.85 17.44 24.48
C THR B 7 -12.15 17.75 23.13
N LEU B 8 -10.89 17.42 23.04
CA LEU B 8 -10.13 17.50 21.76
C LEU B 8 -9.89 16.12 21.19
N PRO B 9 -9.82 15.99 19.86
CA PRO B 9 -9.28 14.80 19.23
C PRO B 9 -7.81 14.66 19.60
N ALA B 10 -7.37 13.44 19.94
CA ALA B 10 -5.94 13.16 20.24
C ALA B 10 -5.05 13.49 19.04
N GLY B 11 -5.60 13.49 17.80
CA GLY B 11 -4.83 13.82 16.59
C GLY B 11 -4.93 15.28 16.17
N ALA B 12 -5.65 16.14 16.91
CA ALA B 12 -5.73 17.58 16.58
C ALA B 12 -4.40 18.28 16.90
N ASP B 13 -4.20 19.44 16.32
CA ASP B 13 -3.08 20.37 16.60
C ASP B 13 -1.77 19.74 16.13
N PHE B 14 -1.82 18.94 15.08
CA PHE B 14 -0.62 18.52 14.35
C PHE B 14 -0.50 19.32 13.06
N LEU B 15 0.74 19.61 12.67
CA LEU B 15 1.06 20.22 11.36
C LEU B 15 2.18 19.38 10.76
N MET B 16 1.96 18.79 9.58
CA MET B 16 2.96 17.93 8.90
C MET B 16 3.48 18.70 7.71
N CYS B 17 4.77 19.04 7.72
CA CYS B 17 5.40 19.90 6.70
C CYS B 17 6.32 19.04 5.83
N TYR B 18 5.95 18.82 4.58
CA TYR B 18 6.73 17.95 3.67
C TYR B 18 7.45 18.81 2.64
N SER B 19 8.63 18.37 2.21
CA SER B 19 9.39 19.03 1.13
C SER B 19 8.70 18.91 -0.23
N VAL B 20 7.82 17.90 -0.41
CA VAL B 20 7.17 17.59 -1.70
CA VAL B 20 7.18 17.57 -1.70
C VAL B 20 5.82 16.89 -1.43
N ALA B 21 4.90 16.97 -2.39
CA ALA B 21 3.65 16.17 -2.41
C ALA B 21 3.98 14.70 -2.60
N GLU B 22 3.12 13.81 -2.13
CA GLU B 22 3.26 12.35 -2.30
C GLU B 22 3.52 12.07 -3.79
N GLY B 23 4.48 11.19 -4.06
CA GLY B 23 4.71 10.65 -5.42
C GLY B 23 5.91 11.29 -6.13
N TYR B 24 6.47 12.37 -5.59
CA TYR B 24 7.44 13.19 -6.33
C TYR B 24 8.82 13.18 -5.69
N TYR B 25 9.84 13.34 -6.54
CA TYR B 25 11.21 13.70 -6.13
C TYR B 25 11.28 15.11 -5.53
N SER B 26 12.17 15.24 -4.55
CA SER B 26 12.61 16.55 -4.00
C SER B 26 14.00 16.83 -4.54
N HIS B 27 14.47 18.07 -4.44
CA HIS B 27 15.74 18.50 -5.09
C HIS B 27 16.64 19.22 -4.10
N ARG B 28 17.89 19.42 -4.53
CA ARG B 28 18.96 20.03 -3.70
C ARG B 28 19.89 20.82 -4.63
N GLU B 29 20.54 21.83 -4.08
CA GLU B 29 21.71 22.54 -4.69
C GLU B 29 22.98 21.69 -4.50
N THR B 30 23.19 21.09 -3.32
CA THR B 30 24.31 20.18 -2.89
C THR B 30 25.37 20.90 -2.03
N VAL B 31 25.73 22.12 -2.37
CA VAL B 31 26.62 22.96 -1.51
C VAL B 31 25.76 23.49 -0.36
N ASN B 32 24.71 24.23 -0.70
CA ASN B 32 23.95 24.98 0.32
C ASN B 32 22.81 24.11 0.85
N GLY B 33 22.60 22.88 0.35
CA GLY B 33 21.53 21.97 0.89
C GLY B 33 20.28 21.80 0.04
N SER B 34 19.18 21.28 0.64
CA SER B 34 17.95 20.99 -0.12
C SER B 34 17.28 22.32 -0.49
N TRP B 35 16.54 22.33 -1.60
CA TRP B 35 15.69 23.47 -1.99
C TRP B 35 14.77 23.84 -0.82
N TYR B 36 14.08 22.86 -0.31
CA TYR B 36 12.98 23.08 0.67
C TYR B 36 13.57 23.64 1.97
N ILE B 37 14.61 23.03 2.52
CA ILE B 37 15.17 23.54 3.83
C ILE B 37 15.81 24.90 3.61
N GLN B 38 16.48 25.12 2.48
CA GLN B 38 17.06 26.48 2.18
C GLN B 38 15.96 27.54 2.20
N ASP B 39 14.85 27.30 1.51
CA ASP B 39 13.77 28.30 1.34
C ASP B 39 12.98 28.42 2.67
N LEU B 40 12.74 27.32 3.37
CA LEU B 40 12.14 27.35 4.73
C LEU B 40 12.98 28.24 5.64
N CYS B 41 14.30 28.01 5.67
CA CYS B 41 15.21 28.76 6.58
C CYS B 41 15.26 30.25 6.19
N GLU B 42 15.24 30.57 4.92
CA GLU B 42 15.27 31.98 4.46
C GLU B 42 13.99 32.66 4.94
N MET B 43 12.84 32.01 4.78
CA MET B 43 11.56 32.57 5.26
C MET B 43 11.55 32.64 6.78
N LEU B 44 12.08 31.66 7.51
CA LEU B 44 12.13 31.73 8.99
C LEU B 44 12.96 32.97 9.38
N GLY B 45 14.12 33.16 8.71
CA GLY B 45 15.01 34.30 8.97
C GLY B 45 14.30 35.63 8.81
N LYS B 46 13.55 35.81 7.73
CA LYS B 46 12.91 37.10 7.39
CA LYS B 46 12.91 37.10 7.39
C LYS B 46 11.59 37.29 8.14
N TYR B 47 10.81 36.23 8.31
CA TYR B 47 9.38 36.33 8.72
C TYR B 47 8.98 35.46 9.91
N GLY B 48 9.86 34.60 10.42
CA GLY B 48 9.51 33.60 11.42
C GLY B 48 8.89 34.21 12.66
N SER B 49 9.37 35.39 13.07
CA SER B 49 8.98 36.01 14.35
C SER B 49 7.76 36.92 14.14
N SER B 50 7.20 37.03 12.94
CA SER B 50 6.02 37.91 12.67
C SER B 50 4.87 37.16 12.00
N LEU B 51 5.12 36.45 10.90
CA LEU B 51 4.00 35.84 10.11
C LEU B 51 3.41 34.61 10.82
N GLU B 52 2.13 34.36 10.57
CA GLU B 52 1.48 33.09 10.95
C GLU B 52 2.24 31.95 10.25
N PHE B 53 2.49 30.86 10.94
CA PHE B 53 3.43 29.82 10.43
C PHE B 53 2.91 29.18 9.13
N THR B 54 1.60 28.95 8.97
CA THR B 54 1.06 28.41 7.68
C THR B 54 1.16 29.47 6.57
N GLU B 55 1.04 30.75 6.89
CA GLU B 55 1.26 31.86 5.91
C GLU B 55 2.71 31.77 5.44
N LEU B 56 3.64 31.58 6.37
CA LEU B 56 5.09 31.44 6.08
C LEU B 56 5.29 30.19 5.22
N LEU B 57 4.69 29.07 5.56
CA LEU B 57 4.86 27.82 4.76
C LEU B 57 4.35 28.03 3.33
N THR B 58 3.32 28.86 3.14
CA THR B 58 2.76 29.18 1.81
C THR B 58 3.83 29.96 1.02
N LEU B 59 4.55 30.88 1.67
CA LEU B 59 5.67 31.60 1.00
C LEU B 59 6.74 30.61 0.62
N VAL B 60 7.02 29.63 1.47
CA VAL B 60 8.00 28.57 1.16
C VAL B 60 7.53 27.80 -0.08
N ASN B 61 6.25 27.47 -0.17
CA ASN B 61 5.71 26.82 -1.39
C ASN B 61 6.02 27.69 -2.62
N ARG B 62 5.77 28.99 -2.52
CA ARG B 62 6.00 29.89 -3.68
C ARG B 62 7.49 29.93 -4.05
N LYS B 63 8.38 30.02 -3.06
CA LYS B 63 9.85 30.11 -3.30
C LYS B 63 10.35 28.81 -3.89
N VAL B 64 9.95 27.67 -3.35
CA VAL B 64 10.45 26.39 -3.91
C VAL B 64 9.92 26.21 -5.34
N SER B 65 8.66 26.64 -5.61
CA SER B 65 8.04 26.52 -6.95
CA SER B 65 8.05 26.53 -6.96
C SER B 65 8.82 27.30 -8.03
N GLN B 66 9.63 28.30 -7.63
CA GLN B 66 10.42 29.16 -8.56
C GLN B 66 11.69 28.42 -9.01
N ARG B 67 12.13 27.43 -8.26
CA ARG B 67 13.39 26.72 -8.56
C ARG B 67 13.22 25.78 -9.76
N ARG B 68 14.33 25.42 -10.38
CA ARG B 68 14.34 24.38 -11.44
C ARG B 68 15.68 23.65 -11.40
N VAL B 69 15.69 22.42 -11.87
CA VAL B 69 16.94 21.61 -12.03
C VAL B 69 17.76 22.27 -13.16
N ASP B 70 18.95 22.78 -12.85
CA ASP B 70 19.82 23.49 -13.83
C ASP B 70 20.91 22.54 -14.33
N PHE B 71 21.43 21.66 -13.46
CA PHE B 71 22.55 20.74 -13.77
C PHE B 71 22.14 19.35 -13.30
N CYS B 72 22.20 18.37 -14.20
CA CYS B 72 21.96 16.93 -13.89
C CYS B 72 22.67 16.05 -14.92
N LYS B 73 23.17 14.90 -14.49
CA LYS B 73 23.80 13.89 -15.39
C LYS B 73 22.69 13.31 -16.28
N ASP B 74 21.46 13.25 -15.78
CA ASP B 74 20.26 12.89 -16.59
C ASP B 74 19.73 14.15 -17.25
N PRO B 75 19.86 14.32 -18.58
CA PRO B 75 19.48 15.56 -19.24
C PRO B 75 17.95 15.77 -19.26
N SER B 76 17.19 14.67 -19.16
CA SER B 76 15.71 14.69 -19.13
C SER B 76 15.22 15.38 -17.84
N ALA B 77 16.07 15.50 -16.82
CA ALA B 77 15.71 16.11 -15.52
C ALA B 77 15.89 17.63 -15.56
N ILE B 78 16.59 18.15 -16.57
CA ILE B 78 16.82 19.61 -16.68
C ILE B 78 15.47 20.32 -16.79
N GLY B 79 15.29 21.39 -16.00
CA GLY B 79 14.07 22.21 -15.99
C GLY B 79 12.98 21.65 -15.07
N LYS B 80 13.18 20.48 -14.46
CA LYS B 80 12.13 19.84 -13.61
C LYS B 80 11.96 20.63 -12.31
N LYS B 81 10.87 20.35 -11.61
CA LYS B 81 10.24 21.30 -10.64
C LYS B 81 9.83 20.54 -9.38
N GLN B 82 9.49 21.32 -8.35
CA GLN B 82 9.07 20.79 -7.04
C GLN B 82 8.12 21.78 -6.39
N VAL B 83 6.99 21.32 -5.85
CA VAL B 83 6.21 22.13 -4.88
C VAL B 83 6.15 21.37 -3.56
N PRO B 84 6.39 22.02 -2.40
CA PRO B 84 6.23 21.36 -1.11
C PRO B 84 4.74 21.20 -0.81
N CYS B 85 4.46 20.64 0.36
CA CYS B 85 3.05 20.36 0.77
C CYS B 85 3.03 20.38 2.29
N PHE B 86 2.14 21.16 2.91
CA PHE B 86 1.92 21.07 4.36
C PHE B 86 0.48 20.63 4.61
N ALA B 87 0.30 19.75 5.59
CA ALA B 87 -0.98 19.16 5.98
C ALA B 87 -1.30 19.65 7.39
N SER B 88 -2.36 20.46 7.53
CA SER B 88 -2.72 21.11 8.79
C SER B 88 -3.93 20.41 9.44
N MET B 89 -3.69 19.98 10.68
CA MET B 89 -4.76 19.60 11.64
CA MET B 89 -4.74 19.60 11.64
C MET B 89 -4.76 20.64 12.77
N LEU B 90 -4.20 21.82 12.53
CA LEU B 90 -4.19 22.91 13.53
C LEU B 90 -5.60 23.48 13.68
N THR B 91 -5.88 24.07 14.82
CA THR B 91 -7.23 24.60 15.14
C THR B 91 -7.19 26.10 15.43
N LYS B 92 -5.98 26.70 15.43
CA LYS B 92 -5.74 28.09 15.82
C LYS B 92 -4.59 28.64 14.98
N LYS B 93 -4.41 29.94 15.04
CA LYS B 93 -3.27 30.64 14.41
C LYS B 93 -2.02 30.39 15.25
N LEU B 94 -0.92 30.17 14.56
CA LEU B 94 0.39 29.83 15.14
C LEU B 94 1.38 30.93 14.80
N HIS B 95 1.88 31.62 15.84
CA HIS B 95 2.91 32.66 15.70
C HIS B 95 4.08 32.31 16.61
N PHE B 96 5.27 32.72 16.21
CA PHE B 96 6.52 32.61 17.02
C PHE B 96 7.04 34.02 17.32
N PHE B 97 6.21 34.85 17.94
CA PHE B 97 6.62 36.18 18.42
C PHE B 97 7.77 36.01 19.43
N PRO B 98 8.71 36.97 19.50
CA PRO B 98 9.83 36.86 20.42
C PRO B 98 9.32 36.63 21.85
N LYS B 99 9.96 35.71 22.58
CA LYS B 99 9.57 35.34 23.94
C LYS B 99 9.89 36.48 24.93
N SER B 100 9.12 36.53 26.01
CA SER B 100 9.35 37.21 27.32
C SER B 100 8.52 38.49 27.33
N PHE C 2 -4.13 -41.08 7.71
CA PHE C 2 -3.72 -39.88 6.89
C PHE C 2 -2.98 -40.37 5.64
N ASP C 3 -3.60 -40.30 4.46
CA ASP C 3 -3.06 -40.86 3.20
C ASP C 3 -2.32 -39.78 2.43
N PRO C 4 -0.98 -39.88 2.29
CA PRO C 4 -0.20 -38.86 1.59
C PRO C 4 -0.54 -38.72 0.10
N ALA C 5 -1.20 -39.73 -0.51
CA ALA C 5 -1.55 -39.73 -1.95
C ALA C 5 -3.01 -39.29 -2.14
N GLU C 6 -3.64 -38.75 -1.10
CA GLU C 6 -5.08 -38.41 -1.13
C GLU C 6 -5.37 -37.40 -2.26
N LYS C 7 -6.36 -37.69 -3.08
CA LYS C 7 -6.83 -36.89 -4.22
C LYS C 7 -8.17 -36.26 -3.86
N TYR C 8 -8.44 -35.04 -4.34
CA TYR C 8 -9.82 -34.52 -4.31
C TYR C 8 -10.72 -35.55 -5.02
N LYS C 9 -11.93 -35.73 -4.48
CA LYS C 9 -13.03 -36.49 -5.12
C LYS C 9 -13.43 -35.78 -6.43
N MET C 10 -13.17 -36.41 -7.57
CA MET C 10 -13.46 -35.83 -8.91
C MET C 10 -14.40 -36.74 -9.71
N ASP C 11 -15.37 -37.38 -9.04
CA ASP C 11 -16.31 -38.33 -9.70
C ASP C 11 -17.76 -37.81 -9.54
N HIS C 12 -17.94 -36.49 -9.49
CA HIS C 12 -19.28 -35.86 -9.45
C HIS C 12 -19.90 -35.93 -10.86
N ARG C 13 -21.20 -35.65 -10.97
CA ARG C 13 -21.92 -35.67 -12.27
C ARG C 13 -21.23 -34.72 -13.26
N ARG C 14 -20.81 -33.53 -12.80
CA ARG C 14 -20.22 -32.48 -13.67
C ARG C 14 -18.80 -32.14 -13.23
N ARG C 15 -17.93 -31.80 -14.17
CA ARG C 15 -16.60 -31.21 -13.80
C ARG C 15 -16.83 -29.90 -13.04
N GLY C 16 -17.71 -29.07 -13.59
CA GLY C 16 -18.05 -27.75 -13.03
C GLY C 16 -17.83 -26.67 -14.07
N ILE C 17 -18.05 -25.42 -13.64
CA ILE C 17 -18.00 -24.24 -14.54
C ILE C 17 -16.56 -23.73 -14.64
N ALA C 18 -16.12 -23.39 -15.85
CA ALA C 18 -14.94 -22.53 -16.07
C ALA C 18 -15.44 -21.17 -16.59
N LEU C 19 -15.33 -20.15 -15.76
CA LEU C 19 -15.70 -18.75 -16.11
C LEU C 19 -14.48 -18.08 -16.73
N ILE C 20 -14.62 -17.46 -17.89
CA ILE C 20 -13.51 -16.71 -18.52
C ILE C 20 -13.96 -15.26 -18.74
N PHE C 21 -13.30 -14.33 -18.06
CA PHE C 21 -13.50 -12.87 -18.24
C PHE C 21 -12.38 -12.38 -19.14
N ASN C 22 -12.78 -12.03 -20.35
CA ASN C 22 -11.83 -11.71 -21.45
C ASN C 22 -11.91 -10.20 -21.72
N HIS C 23 -10.81 -9.47 -21.56
CA HIS C 23 -10.78 -7.98 -21.64
C HIS C 23 -9.78 -7.55 -22.70
N GLU C 24 -10.28 -7.04 -23.82
CA GLU C 24 -9.44 -6.69 -24.98
C GLU C 24 -9.20 -5.17 -25.04
N ARG C 25 -10.22 -4.39 -24.73
CA ARG C 25 -10.17 -2.91 -24.84
C ARG C 25 -10.77 -2.32 -23.57
N PHE C 26 -10.43 -1.07 -23.26
CA PHE C 26 -10.80 -0.45 -21.98
C PHE C 26 -11.37 0.93 -22.21
N PHE C 27 -12.16 1.38 -21.27
CA PHE C 27 -12.69 2.75 -21.22
C PHE C 27 -11.53 3.72 -21.50
N TRP C 28 -11.71 4.61 -22.48
CA TRP C 28 -10.62 5.45 -23.04
C TRP C 28 -9.90 6.16 -21.90
N HIS C 29 -10.64 6.59 -20.87
CA HIS C 29 -10.10 7.44 -19.77
C HIS C 29 -9.28 6.61 -18.77
N LEU C 30 -9.21 5.28 -18.91
CA LEU C 30 -8.29 4.46 -18.09
C LEU C 30 -6.86 4.50 -18.66
N THR C 31 -6.69 4.88 -19.93
CA THR C 31 -5.37 4.99 -20.61
C THR C 31 -4.67 3.63 -20.53
N LEU C 32 -5.41 2.56 -20.80
CA LEU C 32 -4.87 1.17 -20.76
C LEU C 32 -4.77 0.73 -22.20
N PRO C 33 -3.65 0.11 -22.60
CA PRO C 33 -3.51 -0.37 -23.97
C PRO C 33 -4.44 -1.57 -24.24
N GLU C 34 -4.88 -1.66 -25.48
CA GLU C 34 -5.58 -2.85 -26.07
C GLU C 34 -4.72 -4.09 -25.84
N ARG C 35 -5.36 -5.24 -25.63
CA ARG C 35 -4.70 -6.53 -25.34
C ARG C 35 -4.82 -7.43 -26.58
N ARG C 36 -4.19 -7.00 -27.66
CA ARG C 36 -4.26 -7.74 -28.96
C ARG C 36 -3.70 -9.14 -28.73
N GLY C 37 -4.48 -10.16 -29.08
CA GLY C 37 -4.11 -11.58 -28.91
C GLY C 37 -4.94 -12.21 -27.82
N THR C 38 -5.66 -11.43 -27.02
CA THR C 38 -6.42 -12.02 -25.89
C THR C 38 -7.51 -12.94 -26.44
N CYS C 39 -8.09 -12.66 -27.63
CA CYS C 39 -9.19 -13.50 -28.15
C CYS C 39 -8.60 -14.88 -28.51
N ALA C 40 -7.36 -14.97 -28.94
CA ALA C 40 -6.65 -16.26 -29.17
C ALA C 40 -6.54 -17.01 -27.84
N ASP C 41 -6.14 -16.30 -26.77
CA ASP C 41 -6.02 -16.90 -25.42
C ASP C 41 -7.38 -17.44 -25.01
N ARG C 42 -8.43 -16.64 -25.13
CA ARG C 42 -9.79 -17.00 -24.69
C ARG C 42 -10.19 -18.30 -25.42
N ASP C 43 -10.02 -18.34 -26.73
CA ASP C 43 -10.42 -19.51 -27.56
C ASP C 43 -9.60 -20.75 -27.18
N ASN C 44 -8.30 -20.58 -26.97
CA ASN C 44 -7.36 -21.66 -26.56
C ASN C 44 -7.81 -22.26 -25.25
N LEU C 45 -8.08 -21.42 -24.26
CA LEU C 45 -8.59 -21.88 -22.93
C LEU C 45 -9.94 -22.56 -23.08
N THR C 46 -10.82 -22.01 -23.90
CA THR C 46 -12.18 -22.58 -24.06
C THR C 46 -12.04 -24.03 -24.54
N ARG C 47 -11.19 -24.25 -25.52
CA ARG C 47 -10.97 -25.59 -26.11
C ARG C 47 -10.40 -26.50 -25.02
N ARG C 48 -9.35 -26.06 -24.33
CA ARG C 48 -8.61 -26.91 -23.38
C ARG C 48 -9.50 -27.26 -22.19
N PHE C 49 -10.21 -26.29 -21.63
CA PHE C 49 -11.07 -26.56 -20.46
C PHE C 49 -12.28 -27.38 -20.91
N SER C 50 -12.84 -27.13 -22.10
CA SER C 50 -13.98 -27.95 -22.59
C SER C 50 -13.55 -29.42 -22.68
N ASP C 51 -12.36 -29.67 -23.18
CA ASP C 51 -11.83 -31.04 -23.38
C ASP C 51 -11.65 -31.73 -22.01
N LEU C 52 -11.49 -30.94 -20.93
CA LEU C 52 -11.35 -31.49 -19.55
C LEU C 52 -12.73 -31.60 -18.87
N GLY C 53 -13.81 -31.35 -19.59
CA GLY C 53 -15.18 -31.55 -19.11
C GLY C 53 -15.85 -30.32 -18.53
N PHE C 54 -15.16 -29.18 -18.48
CA PHE C 54 -15.72 -27.92 -17.91
C PHE C 54 -16.85 -27.39 -18.82
N GLU C 55 -17.88 -26.83 -18.19
CA GLU C 55 -18.89 -25.96 -18.82
C GLU C 55 -18.26 -24.55 -18.89
N VAL C 56 -17.71 -24.18 -20.05
CA VAL C 56 -16.96 -22.91 -20.20
C VAL C 56 -17.98 -21.80 -20.51
N LYS C 57 -17.95 -20.73 -19.74
CA LYS C 57 -18.81 -19.55 -19.95
C LYS C 57 -17.90 -18.35 -20.08
N CYS C 58 -17.85 -17.79 -21.27
CA CYS C 58 -16.96 -16.64 -21.60
CA CYS C 58 -16.97 -16.65 -21.59
C CYS C 58 -17.76 -15.34 -21.58
N PHE C 59 -17.17 -14.29 -21.05
CA PHE C 59 -17.75 -12.92 -21.06
C PHE C 59 -16.68 -11.95 -21.51
N ASN C 60 -17.02 -11.15 -22.53
CA ASN C 60 -16.05 -10.29 -23.24
C ASN C 60 -16.32 -8.83 -22.82
N ASP C 61 -15.31 -8.16 -22.31
CA ASP C 61 -15.28 -6.71 -22.00
C ASP C 61 -16.45 -6.27 -21.13
N LEU C 62 -16.79 -7.07 -20.12
CA LEU C 62 -17.83 -6.68 -19.15
C LEU C 62 -17.38 -5.44 -18.37
N LYS C 63 -18.35 -4.60 -18.08
CA LYS C 63 -18.16 -3.50 -17.12
C LYS C 63 -18.19 -4.07 -15.71
N ALA C 64 -17.69 -3.32 -14.75
CA ALA C 64 -17.55 -3.75 -13.34
C ALA C 64 -18.89 -4.29 -12.82
N GLU C 65 -20.00 -3.57 -13.01
CA GLU C 65 -21.32 -3.99 -12.51
C GLU C 65 -21.72 -5.35 -13.09
N GLU C 66 -21.56 -5.50 -14.40
CA GLU C 66 -21.91 -6.74 -15.13
C GLU C 66 -21.04 -7.90 -14.65
N LEU C 67 -19.75 -7.67 -14.51
CA LEU C 67 -18.80 -8.73 -14.09
C LEU C 67 -19.15 -9.19 -12.67
N LEU C 68 -19.38 -8.25 -11.76
CA LEU C 68 -19.77 -8.59 -10.37
C LEU C 68 -21.09 -9.36 -10.34
N LEU C 69 -22.09 -8.91 -11.09
CA LEU C 69 -23.41 -9.61 -11.09
C LEU C 69 -23.19 -11.04 -11.59
N LYS C 70 -22.41 -11.21 -12.65
CA LYS C 70 -22.21 -12.53 -13.28
C LYS C 70 -21.47 -13.46 -12.33
N ILE C 71 -20.39 -13.00 -11.72
CA ILE C 71 -19.60 -13.87 -10.82
C ILE C 71 -20.41 -14.15 -9.56
N HIS C 72 -21.16 -13.19 -9.03
CA HIS C 72 -22.05 -13.42 -7.88
C HIS C 72 -23.06 -14.53 -8.23
N GLU C 73 -23.66 -14.45 -9.41
CA GLU C 73 -24.64 -15.46 -9.89
C GLU C 73 -23.99 -16.85 -9.86
N VAL C 74 -22.79 -16.97 -10.41
CA VAL C 74 -22.09 -18.28 -10.47
C VAL C 74 -21.78 -18.76 -9.04
N SER C 75 -21.51 -17.86 -8.10
CA SER C 75 -21.16 -18.22 -6.71
C SER C 75 -22.43 -18.70 -5.97
N THR C 76 -23.63 -18.37 -6.45
CA THR C 76 -24.89 -18.66 -5.74
C THR C 76 -25.65 -19.82 -6.39
N VAL C 77 -25.22 -20.35 -7.55
CA VAL C 77 -25.80 -21.60 -8.11
C VAL C 77 -25.22 -22.78 -7.33
N SER C 78 -25.88 -23.93 -7.38
CA SER C 78 -25.39 -25.13 -6.66
C SER C 78 -24.21 -25.73 -7.41
N HIS C 79 -23.11 -25.98 -6.71
CA HIS C 79 -21.96 -26.74 -7.22
C HIS C 79 -21.96 -28.12 -6.56
N ALA C 80 -23.05 -28.56 -5.92
CA ALA C 80 -23.11 -29.81 -5.14
C ALA C 80 -22.71 -31.01 -6.02
N ASP C 81 -23.08 -30.99 -7.29
CA ASP C 81 -22.83 -32.12 -8.23
C ASP C 81 -21.67 -31.76 -9.16
N ALA C 82 -20.79 -30.84 -8.76
CA ALA C 82 -19.57 -30.47 -9.53
C ALA C 82 -18.30 -30.87 -8.75
N ASP C 83 -17.25 -31.19 -9.50
CA ASP C 83 -15.90 -31.51 -8.99
C ASP C 83 -15.24 -30.23 -8.44
N CYS C 84 -15.38 -29.12 -9.15
CA CYS C 84 -14.56 -27.93 -8.82
C CYS C 84 -15.07 -26.70 -9.56
N PHE C 85 -14.36 -25.59 -9.40
CA PHE C 85 -14.70 -24.30 -10.04
C PHE C 85 -13.41 -23.66 -10.55
N VAL C 86 -13.44 -23.17 -11.78
CA VAL C 86 -12.33 -22.41 -12.41
C VAL C 86 -12.82 -21.01 -12.82
N CYS C 87 -12.02 -20.01 -12.54
CA CYS C 87 -12.30 -18.61 -12.95
C CYS C 87 -11.03 -18.03 -13.57
N VAL C 88 -11.11 -17.53 -14.79
CA VAL C 88 -9.96 -16.96 -15.52
C VAL C 88 -10.19 -15.48 -15.75
N PHE C 89 -9.19 -14.66 -15.48
CA PHE C 89 -9.20 -13.21 -15.82
C PHE C 89 -8.06 -12.97 -16.82
N LEU C 90 -8.42 -12.46 -17.98
CA LEU C 90 -7.46 -12.01 -19.02
C LEU C 90 -7.64 -10.50 -19.13
N SER C 91 -6.78 -9.72 -18.50
CA SER C 91 -6.96 -8.27 -18.38
C SER C 91 -5.69 -7.59 -17.90
N HIS C 92 -5.78 -6.29 -17.66
CA HIS C 92 -4.75 -5.53 -16.92
C HIS C 92 -5.09 -5.60 -15.45
N GLY C 93 -4.11 -5.36 -14.60
CA GLY C 93 -4.30 -5.33 -13.14
C GLY C 93 -3.52 -4.20 -12.52
N GLU C 94 -3.69 -3.99 -11.22
CA GLU C 94 -2.93 -2.97 -10.43
C GLU C 94 -2.96 -3.47 -9.00
N GLY C 95 -1.79 -3.75 -8.42
CA GLY C 95 -1.71 -4.31 -7.06
C GLY C 95 -2.60 -5.53 -6.92
N ASN C 96 -3.53 -5.53 -5.96
CA ASN C 96 -4.44 -6.66 -5.72
C ASN C 96 -5.79 -6.43 -6.42
N HIS C 97 -5.76 -5.77 -7.58
CA HIS C 97 -6.97 -5.43 -8.38
C HIS C 97 -6.81 -5.97 -9.80
N ILE C 98 -7.95 -6.27 -10.41
CA ILE C 98 -8.08 -6.61 -11.84
C ILE C 98 -8.99 -5.55 -12.46
N TYR C 99 -8.74 -5.20 -13.71
CA TYR C 99 -9.58 -4.24 -14.49
C TYR C 99 -10.71 -4.97 -15.20
N ALA C 100 -11.93 -4.50 -14.98
CA ALA C 100 -13.06 -4.65 -15.92
C ALA C 100 -12.88 -3.63 -17.03
N TYR C 101 -13.87 -3.46 -17.89
CA TYR C 101 -13.80 -2.49 -19.00
C TYR C 101 -13.55 -1.07 -18.47
N ASP C 102 -14.19 -0.72 -17.35
CA ASP C 102 -14.43 0.68 -16.93
C ASP C 102 -13.73 1.00 -15.62
N ALA C 103 -13.28 0.00 -14.86
CA ALA C 103 -12.79 0.24 -13.48
C ALA C 103 -12.12 -1.01 -12.95
N LYS C 104 -11.33 -0.82 -11.91
CA LYS C 104 -10.67 -1.96 -11.24
C LYS C 104 -11.52 -2.49 -10.10
N ILE C 105 -11.33 -3.75 -9.81
CA ILE C 105 -12.06 -4.53 -8.77
C ILE C 105 -11.02 -5.25 -7.92
N GLU C 106 -11.19 -5.21 -6.60
CA GLU C 106 -10.31 -5.93 -5.65
C GLU C 106 -10.45 -7.43 -5.90
N ILE C 107 -9.34 -8.11 -6.15
CA ILE C 107 -9.38 -9.58 -6.44
C ILE C 107 -10.00 -10.30 -5.22
N GLN C 108 -9.77 -9.81 -4.00
CA GLN C 108 -10.32 -10.46 -2.77
C GLN C 108 -11.85 -10.41 -2.78
N THR C 109 -12.49 -9.41 -3.39
CA THR C 109 -13.98 -9.39 -3.49
CA THR C 109 -13.97 -9.35 -3.55
C THR C 109 -14.43 -10.56 -4.38
N LEU C 110 -13.65 -10.90 -5.40
CA LEU C 110 -14.06 -11.91 -6.39
C LEU C 110 -13.80 -13.32 -5.81
N THR C 111 -12.64 -13.56 -5.21
CA THR C 111 -12.33 -14.85 -4.56
C THR C 111 -13.23 -15.04 -3.35
N GLY C 112 -13.53 -13.96 -2.64
CA GLY C 112 -14.32 -13.99 -1.38
C GLY C 112 -15.68 -14.63 -1.57
N LEU C 113 -16.30 -14.44 -2.74
CA LEU C 113 -17.64 -15.02 -3.04
C LEU C 113 -17.62 -16.55 -3.01
N PHE C 114 -16.44 -17.17 -3.19
CA PHE C 114 -16.30 -18.64 -3.33
C PHE C 114 -15.69 -19.24 -2.06
N LYS C 115 -15.38 -18.40 -1.08
CA LYS C 115 -14.88 -18.91 0.22
C LYS C 115 -16.00 -19.71 0.90
N GLY C 116 -15.61 -20.60 1.81
CA GLY C 116 -16.50 -21.63 2.36
C GLY C 116 -17.71 -21.06 3.04
N ASP C 117 -17.60 -19.86 3.61
CA ASP C 117 -18.67 -19.22 4.39
C ASP C 117 -19.66 -18.53 3.48
N LYS C 118 -19.31 -18.29 2.21
CA LYS C 118 -20.22 -17.67 1.22
C LYS C 118 -20.72 -18.71 0.22
N CYS C 119 -19.95 -19.76 -0.06
CA CYS C 119 -20.30 -20.77 -1.10
C CYS C 119 -20.22 -22.18 -0.51
N HIS C 120 -21.28 -22.59 0.19
CA HIS C 120 -21.29 -23.88 0.95
C HIS C 120 -21.03 -25.06 0.01
N SER C 121 -21.57 -25.05 -1.21
CA SER C 121 -21.52 -26.22 -2.11
C SER C 121 -20.13 -26.42 -2.72
N LEU C 122 -19.21 -25.46 -2.56
CA LEU C 122 -17.82 -25.70 -3.01
C LEU C 122 -16.89 -26.00 -1.83
N VAL C 123 -17.41 -26.07 -0.62
CA VAL C 123 -16.56 -26.42 0.55
C VAL C 123 -15.94 -27.81 0.33
N GLY C 124 -14.63 -27.90 0.47
CA GLY C 124 -13.85 -29.14 0.30
C GLY C 124 -13.51 -29.40 -1.15
N LYS C 125 -13.89 -28.47 -2.05
CA LYS C 125 -13.63 -28.60 -3.50
C LYS C 125 -12.68 -27.52 -3.97
N PRO C 126 -11.83 -27.82 -4.97
CA PRO C 126 -10.86 -26.85 -5.46
C PRO C 126 -11.53 -25.65 -6.14
N LYS C 127 -11.11 -24.44 -5.76
CA LYS C 127 -11.47 -23.17 -6.41
C LYS C 127 -10.19 -22.64 -7.07
N ILE C 128 -10.17 -22.62 -8.38
CA ILE C 128 -8.95 -22.34 -9.16
C ILE C 128 -9.11 -21.01 -9.87
N PHE C 129 -8.26 -20.03 -9.57
CA PHE C 129 -8.25 -18.70 -10.22
C PHE C 129 -7.00 -18.61 -11.07
N ILE C 130 -7.17 -18.17 -12.31
CA ILE C 130 -6.07 -18.02 -13.28
C ILE C 130 -6.09 -16.59 -13.77
N ILE C 131 -5.01 -15.85 -13.57
CA ILE C 131 -4.95 -14.40 -13.83
C ILE C 131 -3.75 -14.09 -14.72
N GLN C 132 -4.06 -13.74 -15.98
CA GLN C 132 -3.07 -13.21 -16.96
C GLN C 132 -3.18 -11.68 -16.87
N ALA C 133 -2.19 -11.07 -16.22
CA ALA C 133 -2.07 -9.62 -15.99
C ALA C 133 -0.64 -9.34 -15.53
N CYS C 134 -0.08 -8.21 -15.92
CA CYS C 134 1.20 -7.70 -15.35
C CYS C 134 0.93 -7.39 -13.88
N ARG C 135 1.92 -7.53 -13.00
CA ARG C 135 1.75 -7.29 -11.55
C ARG C 135 2.77 -6.24 -11.06
N GLY C 136 3.21 -5.36 -11.97
CA GLY C 136 4.18 -4.30 -11.61
C GLY C 136 4.90 -3.79 -12.83
N ASN C 137 5.99 -3.05 -12.61
CA ASN C 137 6.63 -2.30 -13.71
C ASN C 137 8.11 -2.72 -13.85
N GLN C 138 8.48 -3.90 -13.39
CA GLN C 138 9.85 -4.43 -13.56
C GLN C 138 9.83 -5.53 -14.64
N HIS C 139 10.83 -5.51 -15.53
CA HIS C 139 11.16 -6.65 -16.42
C HIS C 139 12.15 -7.54 -15.68
N ASP C 140 11.89 -8.83 -15.56
CA ASP C 140 12.89 -9.77 -15.04
C ASP C 140 14.03 -9.87 -16.06
N VAL C 141 15.24 -10.12 -15.59
CA VAL C 141 16.48 -10.10 -16.44
C VAL C 141 16.99 -11.52 -16.64
N PRO C 142 17.63 -11.78 -17.81
CA PRO C 142 18.13 -13.12 -18.12
C PRO C 142 19.46 -13.43 -17.42
N VAL C 143 19.63 -14.70 -17.07
CA VAL C 143 20.90 -15.26 -16.54
C VAL C 143 21.20 -16.59 -17.23
N ILE C 144 22.44 -17.07 -17.09
CA ILE C 144 22.97 -18.22 -17.89
C ILE C 144 23.18 -19.38 -16.93
N PRO C 145 22.60 -20.57 -17.21
CA PRO C 145 22.61 -21.68 -16.26
C PRO C 145 24.03 -22.17 -15.92
N SER D 4 -14.72 -35.54 8.07
CA SER D 4 -15.89 -35.92 8.91
C SER D 4 -15.86 -35.12 10.21
N VAL D 5 -14.75 -35.19 10.96
CA VAL D 5 -14.66 -34.69 12.36
C VAL D 5 -13.96 -33.31 12.40
N TYR D 6 -13.21 -32.96 11.34
CA TYR D 6 -12.50 -31.67 11.27
C TYR D 6 -13.27 -30.67 10.40
N THR D 7 -13.30 -29.43 10.84
CA THR D 7 -13.81 -28.31 10.02
C THR D 7 -12.70 -27.92 9.04
N LEU D 8 -13.06 -27.19 8.01
CA LEU D 8 -12.06 -26.57 7.09
C LEU D 8 -11.98 -25.07 7.32
N PRO D 9 -10.81 -24.45 7.05
CA PRO D 9 -10.73 -23.00 6.91
C PRO D 9 -11.54 -22.59 5.67
N ALA D 10 -12.32 -21.51 5.77
CA ALA D 10 -13.09 -20.94 4.65
C ALA D 10 -12.16 -20.59 3.46
N GLY D 11 -10.89 -20.31 3.72
CA GLY D 11 -9.90 -19.97 2.68
C GLY D 11 -9.11 -21.15 2.14
N ALA D 12 -9.34 -22.37 2.64
CA ALA D 12 -8.67 -23.57 2.13
C ALA D 12 -9.19 -23.95 0.74
N ASP D 13 -8.39 -24.73 0.03
CA ASP D 13 -8.73 -25.34 -1.27
C ASP D 13 -8.86 -24.27 -2.36
N PHE D 14 -8.10 -23.18 -2.23
CA PHE D 14 -7.91 -22.22 -3.35
C PHE D 14 -6.55 -22.47 -3.99
N LEU D 15 -6.49 -22.27 -5.30
CA LEU D 15 -5.21 -22.23 -6.06
C LEU D 15 -5.25 -20.98 -6.92
N MET D 16 -4.30 -20.08 -6.74
CA MET D 16 -4.23 -18.81 -7.48
C MET D 16 -3.07 -18.92 -8.46
N CYS D 17 -3.38 -18.91 -9.74
CA CYS D 17 -2.38 -19.17 -10.83
C CYS D 17 -2.12 -17.83 -11.51
N TYR D 18 -0.94 -17.28 -11.36
CA TYR D 18 -0.62 -15.95 -11.93
C TYR D 18 0.36 -16.16 -13.09
N SER D 19 0.26 -15.28 -14.09
CA SER D 19 1.17 -15.28 -15.26
C SER D 19 2.57 -14.83 -14.83
N VAL D 20 2.72 -14.12 -13.69
CA VAL D 20 4.02 -13.55 -13.23
CA VAL D 20 4.01 -13.54 -13.23
C VAL D 20 3.99 -13.42 -11.70
N ALA D 21 5.17 -13.35 -11.07
CA ALA D 21 5.31 -12.97 -9.63
C ALA D 21 4.93 -11.50 -9.44
N GLU D 22 4.49 -11.13 -8.24
CA GLU D 22 4.22 -9.71 -7.89
C GLU D 22 5.43 -8.87 -8.27
N GLY D 23 5.19 -7.70 -8.86
CA GLY D 23 6.22 -6.68 -9.14
C GLY D 23 6.65 -6.64 -10.59
N TYR D 24 6.26 -7.63 -11.41
CA TYR D 24 6.87 -7.82 -12.75
C TYR D 24 5.85 -7.68 -13.87
N TYR D 25 6.33 -7.26 -15.04
CA TYR D 25 5.60 -7.35 -16.32
C TYR D 25 5.45 -8.81 -16.78
N SER D 26 4.32 -9.07 -17.43
CA SER D 26 4.05 -10.28 -18.24
C SER D 26 4.20 -9.94 -19.73
N HIS D 27 4.37 -10.95 -20.57
CA HIS D 27 4.70 -10.74 -22.01
C HIS D 27 3.75 -11.50 -22.93
N ARG D 28 3.81 -11.17 -24.22
CA ARG D 28 2.90 -11.74 -25.24
C ARG D 28 3.68 -11.89 -26.55
N GLU D 29 3.26 -12.83 -27.38
CA GLU D 29 3.68 -12.94 -28.81
C GLU D 29 2.83 -12.04 -29.71
N THR D 30 3.36 -10.92 -30.23
CA THR D 30 2.70 -9.98 -31.19
C THR D 30 1.17 -9.99 -31.05
N VAL D 31 0.46 -10.89 -31.76
CA VAL D 31 -1.03 -10.99 -31.76
C VAL D 31 -1.49 -12.42 -31.42
N ASN D 32 -0.59 -13.39 -31.28
CA ASN D 32 -0.89 -14.83 -31.10
C ASN D 32 -1.27 -15.17 -29.64
N GLY D 33 -1.22 -14.22 -28.72
CA GLY D 33 -1.60 -14.44 -27.31
C GLY D 33 -0.44 -14.30 -26.32
N SER D 34 -0.78 -14.34 -25.03
CA SER D 34 0.20 -14.17 -23.93
C SER D 34 1.11 -15.40 -23.89
N TRP D 35 2.35 -15.21 -23.47
CA TRP D 35 3.29 -16.31 -23.15
C TRP D 35 2.62 -17.33 -22.23
N TYR D 36 2.06 -16.83 -21.15
CA TYR D 36 1.55 -17.68 -20.07
C TYR D 36 0.38 -18.52 -20.56
N ILE D 37 -0.63 -17.91 -21.17
CA ILE D 37 -1.83 -18.67 -21.59
C ILE D 37 -1.45 -19.64 -22.71
N GLN D 38 -0.55 -19.26 -23.61
CA GLN D 38 -0.11 -20.17 -24.70
C GLN D 38 0.53 -21.43 -24.08
N ASP D 39 1.44 -21.25 -23.14
CA ASP D 39 2.19 -22.37 -22.52
C ASP D 39 1.25 -23.19 -21.62
N LEU D 40 0.35 -22.53 -20.86
CA LEU D 40 -0.66 -23.22 -20.05
C LEU D 40 -1.51 -24.12 -20.95
N CYS D 41 -2.00 -23.59 -22.07
CA CYS D 41 -2.91 -24.34 -22.97
C CYS D 41 -2.15 -25.50 -23.61
N GLU D 42 -0.90 -25.31 -23.99
CA GLU D 42 -0.10 -26.41 -24.59
C GLU D 42 0.01 -27.55 -23.56
N MET D 43 0.33 -27.22 -22.30
CA MET D 43 0.44 -28.23 -21.24
C MET D 43 -0.91 -28.84 -20.92
N LEU D 44 -2.01 -28.06 -20.92
CA LEU D 44 -3.34 -28.66 -20.68
C LEU D 44 -3.62 -29.69 -21.81
N GLY D 45 -3.31 -29.34 -23.05
CA GLY D 45 -3.54 -30.21 -24.23
C GLY D 45 -2.79 -31.52 -24.10
N LYS D 46 -1.53 -31.47 -23.69
CA LYS D 46 -0.67 -32.67 -23.61
C LYS D 46 -0.89 -33.45 -22.31
N TYR D 47 -1.11 -32.77 -21.17
CA TYR D 47 -0.99 -33.39 -19.83
C TYR D 47 -2.19 -33.15 -18.90
N GLY D 48 -3.17 -32.35 -19.30
CA GLY D 48 -4.25 -31.91 -18.40
C GLY D 48 -5.01 -33.08 -17.82
N SER D 49 -5.21 -34.13 -18.63
CA SER D 49 -6.06 -35.30 -18.28
C SER D 49 -5.26 -36.34 -17.48
N SER D 50 -3.97 -36.18 -17.27
CA SER D 50 -3.11 -37.18 -16.60
C SER D 50 -2.33 -36.60 -15.40
N LEU D 51 -1.63 -35.49 -15.57
CA LEU D 51 -0.73 -34.98 -14.51
C LEU D 51 -1.53 -34.30 -13.40
N GLU D 52 -0.97 -34.33 -12.20
CA GLU D 52 -1.46 -33.50 -11.08
C GLU D 52 -1.35 -32.03 -11.53
N PHE D 53 -2.36 -31.22 -11.24
CA PHE D 53 -2.48 -29.86 -11.84
C PHE D 53 -1.32 -28.96 -11.42
N THR D 54 -0.81 -29.04 -10.18
CA THR D 54 0.34 -28.19 -9.76
C THR D 54 1.62 -28.72 -10.44
N GLU D 55 1.73 -30.03 -10.69
CA GLU D 55 2.87 -30.58 -11.45
C GLU D 55 2.84 -29.96 -12.87
N LEU D 56 1.67 -29.91 -13.47
CA LEU D 56 1.44 -29.29 -14.79
C LEU D 56 1.80 -27.79 -14.73
N LEU D 57 1.35 -27.06 -13.69
CA LEU D 57 1.68 -25.60 -13.59
C LEU D 57 3.21 -25.42 -13.49
N THR D 58 3.93 -26.36 -12.87
CA THR D 58 5.40 -26.30 -12.77
C THR D 58 6.01 -26.43 -14.17
N LEU D 59 5.46 -27.29 -15.03
CA LEU D 59 5.92 -27.41 -16.43
C LEU D 59 5.65 -26.08 -17.15
N VAL D 60 4.52 -25.46 -16.87
CA VAL D 60 4.21 -24.12 -17.46
C VAL D 60 5.27 -23.11 -17.02
N ASN D 61 5.68 -23.12 -15.75
CA ASN D 61 6.77 -22.24 -15.27
C ASN D 61 8.04 -22.49 -16.11
N ARG D 62 8.37 -23.76 -16.36
CA ARG D 62 9.59 -24.09 -17.12
C ARG D 62 9.47 -23.56 -18.57
N LYS D 63 8.31 -23.75 -19.19
CA LYS D 63 8.10 -23.35 -20.61
C LYS D 63 8.15 -21.83 -20.71
N VAL D 64 7.46 -21.11 -19.83
CA VAL D 64 7.46 -19.64 -19.90
C VAL D 64 8.88 -19.10 -19.64
N SER D 65 9.64 -19.73 -18.74
CA SER D 65 11.02 -19.31 -18.37
CA SER D 65 11.02 -19.31 -18.37
C SER D 65 11.97 -19.41 -19.59
N GLN D 66 11.61 -20.18 -20.61
CA GLN D 66 12.44 -20.37 -21.85
C GLN D 66 12.27 -19.18 -22.79
N ARG D 67 11.15 -18.47 -22.69
CA ARG D 67 10.84 -17.35 -23.62
C ARG D 67 11.68 -16.11 -23.31
N ARG D 68 11.84 -15.26 -24.33
CA ARG D 68 12.49 -13.94 -24.15
C ARG D 68 11.83 -12.94 -25.09
N VAL D 69 11.89 -11.66 -24.73
CA VAL D 69 11.35 -10.56 -25.59
C VAL D 69 12.28 -10.42 -26.80
N ASP D 70 11.78 -10.66 -28.00
CA ASP D 70 12.59 -10.63 -29.26
C ASP D 70 12.39 -9.29 -29.98
N PHE D 71 11.17 -8.76 -29.98
CA PHE D 71 10.81 -7.50 -30.66
C PHE D 71 10.08 -6.59 -29.67
N CYS D 72 10.53 -5.35 -29.54
CA CYS D 72 9.88 -4.30 -28.72
C CYS D 72 10.31 -2.91 -29.20
N LYS D 73 9.40 -1.94 -29.15
CA LYS D 73 9.70 -0.53 -29.47
C LYS D 73 10.62 0.02 -28.38
N ASP D 74 10.52 -0.48 -27.15
CA ASP D 74 11.45 -0.17 -26.04
C ASP D 74 12.63 -1.14 -26.15
N PRO D 75 13.83 -0.68 -26.52
CA PRO D 75 14.96 -1.57 -26.77
C PRO D 75 15.49 -2.20 -25.48
N SER D 76 15.26 -1.53 -24.34
CA SER D 76 15.69 -1.98 -23.00
C SER D 76 14.90 -3.25 -22.62
N ALA D 77 13.77 -3.53 -23.26
CA ALA D 77 12.95 -4.74 -22.97
C ALA D 77 13.49 -5.97 -23.71
N ILE D 78 14.32 -5.79 -24.73
CA ILE D 78 14.82 -6.94 -25.54
C ILE D 78 15.59 -7.88 -24.64
N GLY D 79 15.30 -9.19 -24.75
CA GLY D 79 15.99 -10.26 -24.01
C GLY D 79 15.38 -10.49 -22.62
N LYS D 80 14.41 -9.68 -22.22
CA LYS D 80 13.86 -9.75 -20.84
C LYS D 80 12.97 -10.98 -20.71
N LYS D 81 12.62 -11.31 -19.45
CA LYS D 81 12.18 -12.66 -19.09
C LYS D 81 10.94 -12.58 -18.20
N GLN D 82 10.35 -13.75 -17.97
CA GLN D 82 9.14 -13.90 -17.13
C GLN D 82 9.14 -15.32 -16.55
N VAL D 83 8.87 -15.44 -15.25
CA VAL D 83 8.45 -16.74 -14.67
C VAL D 83 7.06 -16.53 -14.07
N PRO D 84 6.13 -17.45 -14.29
CA PRO D 84 4.82 -17.37 -13.64
C PRO D 84 4.96 -17.74 -12.16
N CYS D 85 3.84 -17.74 -11.46
CA CYS D 85 3.82 -18.04 -10.02
C CYS D 85 2.44 -18.59 -9.68
N PHE D 86 2.35 -19.77 -9.07
CA PHE D 86 1.07 -20.28 -8.55
C PHE D 86 1.18 -20.35 -7.03
N ALA D 87 0.11 -19.94 -6.36
CA ALA D 87 -0.01 -19.90 -4.89
C ALA D 87 -1.07 -20.92 -4.47
N SER D 88 -0.65 -21.98 -3.79
CA SER D 88 -1.50 -23.13 -3.41
C SER D 88 -1.91 -23.08 -1.93
N MET D 89 -3.23 -23.09 -1.74
CA MET D 89 -3.90 -23.37 -0.46
CA MET D 89 -3.90 -23.38 -0.46
C MET D 89 -4.65 -24.71 -0.59
N LEU D 90 -4.26 -25.53 -1.56
CA LEU D 90 -4.87 -26.86 -1.76
C LEU D 90 -4.41 -27.82 -0.66
N THR D 91 -5.22 -28.83 -0.39
CA THR D 91 -4.99 -29.77 0.73
C THR D 91 -4.84 -31.21 0.23
N LYS D 92 -5.02 -31.43 -1.07
CA LYS D 92 -5.00 -32.76 -1.70
C LYS D 92 -4.49 -32.61 -3.14
N LYS D 93 -4.18 -33.75 -3.76
CA LYS D 93 -3.80 -33.85 -5.19
C LYS D 93 -5.03 -33.56 -6.07
N LEU D 94 -4.80 -32.78 -7.12
CA LEU D 94 -5.84 -32.34 -8.08
C LEU D 94 -5.55 -32.95 -9.45
N HIS D 95 -6.46 -33.81 -9.91
CA HIS D 95 -6.40 -34.42 -11.27
C HIS D 95 -7.71 -34.13 -12.00
N PHE D 96 -7.62 -34.05 -13.32
CA PHE D 96 -8.74 -33.89 -14.27
C PHE D 96 -8.76 -35.12 -15.19
N PHE D 97 -8.83 -36.31 -14.58
CA PHE D 97 -9.00 -37.56 -15.34
C PHE D 97 -10.33 -37.49 -16.10
N PRO D 98 -10.39 -38.12 -17.31
CA PRO D 98 -11.58 -38.03 -18.14
C PRO D 98 -12.81 -38.49 -17.35
N LYS D 99 -13.92 -37.79 -17.47
CA LYS D 99 -15.18 -38.19 -16.77
C LYS D 99 -15.95 -39.18 -17.64
N SER D 100 -16.76 -40.04 -17.00
CA SER D 100 -17.53 -41.17 -17.59
C SER D 100 -18.98 -40.74 -17.81
N MET E 1 10.26 42.67 -5.99
CA MET E 1 9.97 42.41 -4.55
C MET E 1 9.11 41.16 -4.43
N PHE E 2 9.53 40.18 -3.61
CA PHE E 2 8.72 39.03 -3.14
C PHE E 2 7.77 39.54 -2.04
N ASP E 3 6.47 39.60 -2.34
CA ASP E 3 5.44 40.20 -1.46
C ASP E 3 4.76 39.11 -0.64
N PRO E 4 4.95 39.07 0.69
CA PRO E 4 4.34 38.04 1.54
C PRO E 4 2.81 38.09 1.57
N ALA E 5 2.19 39.21 1.15
CA ALA E 5 0.72 39.42 1.15
C ALA E 5 0.13 39.06 -0.21
N GLU E 6 0.91 38.50 -1.14
CA GLU E 6 0.44 38.23 -2.50
C GLU E 6 -0.78 37.32 -2.48
N LYS E 7 -1.82 37.73 -3.23
CA LYS E 7 -3.11 37.01 -3.34
C LYS E 7 -3.20 36.45 -4.76
N TYR E 8 -3.81 35.28 -4.94
CA TYR E 8 -4.26 34.86 -6.28
C TYR E 8 -5.12 35.99 -6.87
N LYS E 9 -4.96 36.21 -8.18
CA LYS E 9 -5.86 37.08 -8.99
C LYS E 9 -7.27 36.46 -9.01
N MET E 10 -8.24 37.12 -8.39
CA MET E 10 -9.64 36.61 -8.31
C MET E 10 -10.61 37.61 -8.94
N ASP E 11 -10.20 38.30 -10.00
CA ASP E 11 -11.04 39.35 -10.66
C ASP E 11 -11.32 38.96 -12.11
N HIS E 12 -11.39 37.67 -12.39
CA HIS E 12 -11.80 37.13 -13.71
C HIS E 12 -13.30 37.32 -13.89
N ARG E 13 -13.80 37.11 -15.11
CA ARG E 13 -15.25 37.24 -15.43
C ARG E 13 -16.08 36.31 -14.54
N ARG E 14 -15.58 35.10 -14.28
CA ARG E 14 -16.33 34.03 -13.56
C ARG E 14 -15.51 33.58 -12.34
N ARG E 15 -16.17 33.20 -11.24
CA ARG E 15 -15.48 32.51 -10.14
C ARG E 15 -14.91 31.18 -10.65
N GLY E 16 -15.73 30.43 -11.37
CA GLY E 16 -15.38 29.11 -11.87
C GLY E 16 -16.39 28.08 -11.48
N ILE E 17 -16.13 26.84 -11.91
CA ILE E 17 -17.05 25.70 -11.65
C ILE E 17 -16.76 25.12 -10.25
N ALA E 18 -17.82 24.78 -9.52
CA ALA E 18 -17.76 23.86 -8.37
C ALA E 18 -18.49 22.57 -8.76
N LEU E 19 -17.74 21.50 -9.00
CA LEU E 19 -18.27 20.14 -9.31
CA LEU E 19 -18.29 20.16 -9.32
C LEU E 19 -18.55 19.42 -8.00
N ILE E 20 -19.75 18.86 -7.82
CA ILE E 20 -20.07 18.05 -6.62
C ILE E 20 -20.53 16.66 -7.08
N PHE E 21 -19.78 15.64 -6.69
CA PHE E 21 -20.14 14.22 -6.90
C PHE E 21 -20.68 13.71 -5.59
N ASN E 22 -22.00 13.50 -5.58
CA ASN E 22 -22.78 13.12 -4.39
C ASN E 22 -23.17 11.64 -4.47
N HIS E 23 -22.73 10.83 -3.50
CA HIS E 23 -22.91 9.35 -3.52
C HIS E 23 -23.69 8.92 -2.28
N GLU E 24 -24.94 8.51 -2.45
CA GLU E 24 -25.82 8.17 -1.33
C GLU E 24 -25.93 6.64 -1.16
N ARG E 25 -26.01 5.92 -2.27
CA ARG E 25 -26.17 4.44 -2.27
C ARG E 25 -25.21 3.87 -3.28
N PHE E 26 -24.94 2.58 -3.18
CA PHE E 26 -23.88 1.93 -3.99
C PHE E 26 -24.43 0.63 -4.56
N PHE E 27 -23.82 0.21 -5.66
CA PHE E 27 -24.12 -1.10 -6.29
C PHE E 27 -24.12 -2.18 -5.21
N TRP E 28 -25.20 -2.96 -5.16
CA TRP E 28 -25.49 -3.90 -4.05
C TRP E 28 -24.27 -4.76 -3.76
N HIS E 29 -23.51 -5.17 -4.79
CA HIS E 29 -22.39 -6.12 -4.68
C HIS E 29 -21.14 -5.47 -4.07
N LEU E 30 -21.15 -4.14 -3.84
CA LEU E 30 -20.03 -3.48 -3.12
C LEU E 30 -20.18 -3.64 -1.60
N THR E 31 -21.40 -3.90 -1.11
CA THR E 31 -21.71 -4.06 0.34
C THR E 31 -21.20 -2.83 1.09
N LEU E 32 -21.50 -1.64 0.55
CA LEU E 32 -21.12 -0.35 1.19
C LEU E 32 -22.37 0.22 1.83
N PRO E 33 -22.26 0.78 3.05
CA PRO E 33 -23.43 1.38 3.69
C PRO E 33 -23.91 2.63 2.95
N GLU E 34 -25.23 2.83 2.97
CA GLU E 34 -25.88 4.08 2.49
C GLU E 34 -25.33 5.26 3.27
N ARG E 35 -25.25 6.42 2.64
CA ARG E 35 -24.69 7.66 3.24
C ARG E 35 -25.85 8.61 3.50
N ARG E 36 -26.72 8.21 4.45
CA ARG E 36 -27.92 8.98 4.82
C ARG E 36 -27.44 10.32 5.36
N GLY E 37 -27.99 11.41 4.81
CA GLY E 37 -27.66 12.80 5.17
C GLY E 37 -26.77 13.43 4.10
N THR E 38 -26.25 12.68 3.14
CA THR E 38 -25.37 13.27 2.09
C THR E 38 -26.16 14.27 1.25
N CYS E 39 -27.48 14.08 1.06
CA CYS E 39 -28.25 15.04 0.23
CA CYS E 39 -28.39 15.01 0.34
C CYS E 39 -28.28 16.40 0.95
N ALA E 40 -28.31 16.44 2.27
CA ALA E 40 -28.23 17.69 3.07
C ALA E 40 -26.87 18.35 2.81
N ASP E 41 -25.81 17.55 2.85
CA ASP E 41 -24.42 18.03 2.60
C ASP E 41 -24.38 18.64 1.20
N ARG E 42 -24.85 17.93 0.18
CA ARG E 42 -24.81 18.40 -1.23
C ARG E 42 -25.55 19.74 -1.35
N ASP E 43 -26.75 19.84 -0.78
CA ASP E 43 -27.58 21.07 -0.86
C ASP E 43 -26.89 22.23 -0.12
N ASN E 44 -26.31 21.95 1.05
CA ASN E 44 -25.62 22.95 1.90
C ASN E 44 -24.43 23.51 1.12
N LEU E 45 -23.62 22.63 0.53
CA LEU E 45 -22.47 23.06 -0.31
C LEU E 45 -22.94 23.86 -1.52
N THR E 46 -24.01 23.41 -2.18
CA THR E 46 -24.53 24.07 -3.38
C THR E 46 -24.85 25.54 -3.02
N ARG E 47 -25.55 25.73 -1.93
CA ARG E 47 -25.95 27.09 -1.47
CA ARG E 47 -25.95 27.09 -1.46
C ARG E 47 -24.70 27.92 -1.18
N ARG E 48 -23.75 27.37 -0.42
CA ARG E 48 -22.60 28.14 0.06
C ARG E 48 -21.70 28.50 -1.12
N PHE E 49 -21.43 27.56 -2.01
CA PHE E 49 -20.53 27.83 -3.16
C PHE E 49 -21.24 28.75 -4.15
N SER E 50 -22.56 28.60 -4.34
CA SER E 50 -23.33 29.51 -5.25
C SER E 50 -23.21 30.95 -4.71
N ASP E 51 -23.29 31.11 -3.40
CA ASP E 51 -23.24 32.45 -2.75
C ASP E 51 -21.85 33.06 -2.96
N LEU E 52 -20.83 32.25 -3.18
CA LEU E 52 -19.45 32.72 -3.43
C LEU E 52 -19.21 32.90 -4.94
N GLY E 53 -20.24 32.75 -5.78
CA GLY E 53 -20.17 33.05 -7.23
C GLY E 53 -19.85 31.84 -8.09
N PHE E 54 -19.68 30.65 -7.52
CA PHE E 54 -19.40 29.42 -8.29
C PHE E 54 -20.63 29.03 -9.12
N GLU E 55 -20.35 28.49 -10.30
CA GLU E 55 -21.32 27.70 -11.11
C GLU E 55 -21.28 26.28 -10.54
N VAL E 56 -22.27 25.92 -9.72
CA VAL E 56 -22.27 24.59 -9.05
C VAL E 56 -22.90 23.58 -9.99
N LYS E 57 -22.22 22.47 -10.26
CA LYS E 57 -22.72 21.35 -11.07
C LYS E 57 -22.70 20.10 -10.23
N CYS E 58 -23.89 19.62 -9.85
CA CYS E 58 -24.04 18.45 -8.95
CA CYS E 58 -24.02 18.46 -8.95
C CYS E 58 -24.38 17.22 -9.77
N PHE E 59 -23.82 16.07 -9.41
CA PHE E 59 -24.12 14.77 -10.04
C PHE E 59 -24.34 13.77 -8.93
N ASN E 60 -25.48 13.07 -8.97
CA ASN E 60 -25.88 12.10 -7.94
C ASN E 60 -25.65 10.67 -8.44
N ASP E 61 -24.93 9.89 -7.65
CA ASP E 61 -24.74 8.43 -7.79
C ASP E 61 -24.27 8.06 -9.19
N LEU E 62 -23.33 8.84 -9.76
CA LEU E 62 -22.74 8.47 -11.07
C LEU E 62 -21.96 7.17 -10.92
N LYS E 63 -22.02 6.36 -11.97
CA LYS E 63 -21.11 5.22 -12.14
C LYS E 63 -19.74 5.72 -12.58
N ALA E 64 -18.73 4.89 -12.43
CA ALA E 64 -17.32 5.24 -12.71
C ALA E 64 -17.17 5.85 -14.10
N GLU E 65 -17.71 5.23 -15.12
CA GLU E 65 -17.61 5.71 -16.52
CA GLU E 65 -17.57 5.72 -16.52
C GLU E 65 -18.20 7.12 -16.64
N GLU E 66 -19.39 7.32 -16.09
CA GLU E 66 -20.08 8.63 -16.14
C GLU E 66 -19.27 9.71 -15.40
N LEU E 67 -18.76 9.36 -14.22
CA LEU E 67 -18.01 10.33 -13.36
C LEU E 67 -16.74 10.73 -14.09
N LEU E 68 -16.03 9.75 -14.65
CA LEU E 68 -14.77 10.03 -15.40
C LEU E 68 -15.05 10.87 -16.63
N LEU E 69 -16.09 10.56 -17.39
CA LEU E 69 -16.44 11.38 -18.59
C LEU E 69 -16.67 12.83 -18.14
N LYS E 70 -17.45 13.02 -17.09
CA LYS E 70 -17.88 14.36 -16.65
C LYS E 70 -16.66 15.15 -16.17
N ILE E 71 -15.83 14.56 -15.33
CA ILE E 71 -14.68 15.30 -14.74
C ILE E 71 -13.65 15.54 -15.85
N HIS E 72 -13.46 14.59 -16.74
CA HIS E 72 -12.54 14.80 -17.90
C HIS E 72 -13.05 15.99 -18.74
N GLU E 73 -14.34 16.03 -19.00
CA GLU E 73 -14.98 17.13 -19.79
C GLU E 73 -14.66 18.48 -19.12
N VAL E 74 -14.86 18.56 -17.80
CA VAL E 74 -14.62 19.83 -17.08
C VAL E 74 -13.14 20.19 -17.15
N SER E 75 -12.25 19.20 -17.17
CA SER E 75 -10.79 19.44 -17.22
C SER E 75 -10.38 19.96 -18.60
N THR E 76 -11.18 19.72 -19.64
CA THR E 76 -10.78 20.06 -21.03
C THR E 76 -11.48 21.32 -21.54
N VAL E 77 -12.43 21.90 -20.80
CA VAL E 77 -13.03 23.20 -21.18
C VAL E 77 -12.04 24.31 -20.78
N SER E 78 -12.19 25.50 -21.36
CA SER E 78 -11.38 26.68 -21.00
C SER E 78 -11.79 27.22 -19.63
N HIS E 79 -10.84 27.35 -18.72
CA HIS E 79 -11.01 28.07 -17.43
C HIS E 79 -10.31 29.43 -17.53
N ALA E 80 -9.98 29.90 -18.74
CA ALA E 80 -9.21 31.15 -18.95
C ALA E 80 -9.92 32.34 -18.27
N ASP E 81 -11.25 32.36 -18.27
CA ASP E 81 -12.02 33.50 -17.72
C ASP E 81 -12.55 33.16 -16.32
N ALA E 82 -11.95 32.16 -15.64
CA ALA E 82 -12.35 31.75 -14.27
C ALA E 82 -11.21 32.02 -13.28
N ASP E 83 -11.58 32.27 -12.03
CA ASP E 83 -10.65 32.50 -10.90
C ASP E 83 -10.05 31.16 -10.48
N CYS E 84 -10.86 30.11 -10.44
CA CYS E 84 -10.41 28.86 -9.79
C CYS E 84 -11.32 27.70 -10.13
N PHE E 85 -11.02 26.54 -9.57
CA PHE E 85 -11.81 25.31 -9.75
C PHE E 85 -11.98 24.63 -8.40
N VAL E 86 -13.21 24.18 -8.13
CA VAL E 86 -13.54 23.37 -6.92
C VAL E 86 -14.16 22.04 -7.36
N CYS E 87 -13.72 20.96 -6.77
CA CYS E 87 -14.26 19.61 -7.01
C CYS E 87 -14.52 18.96 -5.65
N VAL E 88 -15.75 18.52 -5.41
CA VAL E 88 -16.14 17.89 -4.13
C VAL E 88 -16.55 16.45 -4.36
N PHE E 89 -16.05 15.55 -3.53
CA PHE E 89 -16.48 14.13 -3.51
C PHE E 89 -17.13 13.88 -2.15
N LEU E 90 -18.38 13.46 -2.18
CA LEU E 90 -19.11 12.96 -0.98
C LEU E 90 -19.37 11.48 -1.19
N SER E 91 -18.54 10.63 -0.61
CA SER E 91 -18.61 9.18 -0.90
C SER E 91 -17.82 8.39 0.14
N HIS E 92 -17.74 7.08 -0.06
CA HIS E 92 -16.78 6.22 0.66
C HIS E 92 -15.46 6.25 -0.10
N GLY E 93 -14.40 5.94 0.59
CA GLY E 93 -13.09 5.73 -0.05
C GLY E 93 -12.40 4.50 0.45
N GLU E 94 -11.23 4.23 -0.12
CA GLU E 94 -10.37 3.10 0.29
C GLU E 94 -8.97 3.48 -0.16
N GLY E 95 -8.03 3.62 0.79
CA GLY E 95 -6.66 4.08 0.47
C GLY E 95 -6.72 5.37 -0.32
N ASN E 96 -6.07 5.39 -1.48
CA ASN E 96 -6.03 6.61 -2.33
C ASN E 96 -7.09 6.50 -3.43
N HIS E 97 -8.25 5.92 -3.11
CA HIS E 97 -9.39 5.74 -4.03
C HIS E 97 -10.64 6.38 -3.44
N ILE E 98 -11.52 6.84 -4.34
CA ILE E 98 -12.90 7.25 -4.02
C ILE E 98 -13.85 6.32 -4.76
N TYR E 99 -14.98 6.00 -4.15
CA TYR E 99 -16.05 5.17 -4.76
C TYR E 99 -17.01 6.02 -5.60
N ALA E 100 -17.21 5.61 -6.84
CA ALA E 100 -18.40 5.91 -7.63
C ALA E 100 -19.49 4.92 -7.20
N TYR E 101 -20.58 4.89 -7.92
CA TYR E 101 -21.72 4.02 -7.55
C TYR E 101 -21.28 2.54 -7.59
N ASP E 102 -20.42 2.19 -8.56
CA ASP E 102 -20.19 0.77 -8.97
C ASP E 102 -18.76 0.32 -8.69
N ALA E 103 -17.82 1.23 -8.44
CA ALA E 103 -16.39 0.88 -8.40
C ALA E 103 -15.58 2.04 -7.86
N LYS E 104 -14.35 1.75 -7.44
CA LYS E 104 -13.47 2.80 -6.92
C LYS E 104 -12.56 3.32 -8.02
N ILE E 105 -12.15 4.57 -7.84
CA ILE E 105 -11.30 5.32 -8.82
C ILE E 105 -10.11 5.88 -8.02
N GLU E 106 -8.91 5.78 -8.57
CA GLU E 106 -7.69 6.37 -8.00
C GLU E 106 -7.84 7.90 -7.97
N ILE E 107 -7.67 8.49 -6.80
CA ILE E 107 -7.81 9.96 -6.61
C ILE E 107 -6.78 10.66 -7.50
N GLN E 108 -5.60 10.07 -7.69
CA GLN E 108 -4.53 10.69 -8.49
C GLN E 108 -4.98 10.80 -9.96
N THR E 109 -5.81 9.88 -10.46
CA THR E 109 -6.38 9.97 -11.83
C THR E 109 -7.23 11.23 -11.95
N LEU E 110 -7.96 11.56 -10.88
CA LEU E 110 -8.93 12.67 -10.91
C LEU E 110 -8.19 14.00 -10.78
N THR E 111 -7.26 14.13 -9.82
CA THR E 111 -6.50 15.38 -9.62
C THR E 111 -5.57 15.57 -10.82
N GLY E 112 -5.06 14.46 -11.39
CA GLY E 112 -4.09 14.50 -12.50
C GLY E 112 -4.61 15.27 -13.70
N LEU E 113 -5.91 15.22 -13.96
CA LEU E 113 -6.57 15.89 -15.10
C LEU E 113 -6.39 17.41 -15.01
N PHE E 114 -6.16 17.95 -13.81
CA PHE E 114 -6.17 19.40 -13.55
C PHE E 114 -4.76 19.91 -13.28
N LYS E 115 -3.79 19.00 -13.36
CA LYS E 115 -2.36 19.41 -13.23
C LYS E 115 -2.00 20.29 -14.42
N GLY E 116 -0.96 21.10 -14.23
CA GLY E 116 -0.62 22.21 -15.15
C GLY E 116 -0.39 21.72 -16.56
N ASP E 117 0.13 20.49 -16.72
CA ASP E 117 0.52 19.96 -18.06
C ASP E 117 -0.69 19.36 -18.77
N LYS E 118 -1.78 19.13 -18.05
CA LYS E 118 -3.04 18.60 -18.64
C LYS E 118 -4.09 19.69 -18.78
N CYS E 119 -4.08 20.70 -17.91
CA CYS E 119 -5.10 21.76 -17.88
C CYS E 119 -4.41 23.14 -17.89
N HIS E 120 -3.99 23.58 -19.09
CA HIS E 120 -3.21 24.83 -19.25
C HIS E 120 -3.96 26.03 -18.68
N SER E 121 -5.29 26.11 -18.83
CA SER E 121 -6.04 27.34 -18.48
C SER E 121 -6.25 27.45 -16.95
N LEU E 122 -5.88 26.45 -16.15
CA LEU E 122 -5.88 26.60 -14.68
C LEU E 122 -4.46 26.77 -14.15
N VAL E 123 -3.44 26.86 -15.02
CA VAL E 123 -2.06 27.15 -14.55
C VAL E 123 -2.03 28.49 -13.81
N GLY E 124 -1.49 28.48 -12.60
CA GLY E 124 -1.37 29.68 -11.77
C GLY E 124 -2.65 29.93 -10.98
N LYS E 125 -3.63 29.04 -11.10
CA LYS E 125 -4.94 29.22 -10.43
C LYS E 125 -5.16 28.10 -9.41
N PRO E 126 -5.90 28.39 -8.32
CA PRO E 126 -6.19 27.38 -7.31
C PRO E 126 -7.10 26.27 -7.83
N LYS E 127 -6.69 25.03 -7.56
CA LYS E 127 -7.50 23.80 -7.77
C LYS E 127 -7.79 23.26 -6.38
N ILE E 128 -9.05 23.26 -5.99
CA ILE E 128 -9.45 22.91 -4.60
C ILE E 128 -10.28 21.64 -4.66
N PHE E 129 -9.80 20.58 -4.05
CA PHE E 129 -10.49 19.27 -3.91
C PHE E 129 -10.96 19.17 -2.46
N ILE E 130 -12.23 18.78 -2.28
CA ILE E 130 -12.83 18.60 -0.94
C ILE E 130 -13.40 17.17 -0.92
N ILE E 131 -12.92 16.36 0.04
CA ILE E 131 -13.27 14.91 0.07
C ILE E 131 -13.83 14.58 1.45
N GLN E 132 -15.14 14.31 1.47
CA GLN E 132 -15.81 13.75 2.68
C GLN E 132 -15.88 12.25 2.49
N ALA E 133 -15.00 11.53 3.20
CA ALA E 133 -14.82 10.06 3.17
C ALA E 133 -13.96 9.67 4.38
N CYS E 134 -14.28 8.54 5.00
CA CYS E 134 -13.44 7.93 6.05
C CYS E 134 -12.12 7.52 5.36
N ARG E 135 -11.02 7.56 6.08
CA ARG E 135 -9.68 7.27 5.50
C ARG E 135 -8.99 6.14 6.28
N GLY E 136 -9.78 5.31 6.94
CA GLY E 136 -9.27 4.17 7.71
C GLY E 136 -10.31 3.72 8.69
N ASN E 137 -9.89 2.86 9.64
CA ASN E 137 -10.86 2.17 10.52
C ASN E 137 -10.51 2.43 11.98
N GLN E 138 -9.81 3.53 12.30
CA GLN E 138 -9.53 3.90 13.71
C GLN E 138 -10.42 5.10 14.08
N HIS E 139 -11.00 5.06 15.28
CA HIS E 139 -11.70 6.22 15.87
C HIS E 139 -10.68 7.04 16.64
N ASP E 140 -10.60 8.35 16.42
CA ASP E 140 -9.73 9.21 17.25
C ASP E 140 -10.38 9.32 18.62
N VAL E 141 -9.57 9.49 19.66
CA VAL E 141 -10.05 9.42 21.07
C VAL E 141 -10.02 10.82 21.69
N PRO E 142 -10.94 11.08 22.65
CA PRO E 142 -11.01 12.38 23.30
C PRO E 142 -9.93 12.59 24.37
N VAL E 143 -9.42 13.81 24.44
CA VAL E 143 -8.45 14.27 25.46
C VAL E 143 -8.83 15.67 25.91
N ILE E 144 -8.29 16.07 27.07
CA ILE E 144 -8.45 17.44 27.60
C ILE E 144 -7.06 17.94 27.99
N PRO E 145 -6.83 19.26 27.92
CA PRO E 145 -5.54 19.84 28.31
C PRO E 145 -5.19 19.55 29.78
N LEU E 146 -3.89 19.42 30.10
CA LEU E 146 -3.37 19.29 31.49
C LEU E 146 -3.70 20.58 32.25
N ASP E 147 -4.39 20.50 33.39
CA ASP E 147 -5.10 21.62 34.08
C ASP E 147 -6.55 21.70 33.56
N VAL F 5 10.09 35.32 -16.63
CA VAL F 5 9.44 34.90 -15.36
C VAL F 5 9.94 33.51 -14.97
N TYR F 6 9.39 32.96 -13.89
CA TYR F 6 9.67 31.59 -13.40
C TYR F 6 8.55 30.65 -13.89
N THR F 7 8.92 29.41 -14.20
CA THR F 7 7.94 28.35 -14.51
C THR F 7 7.31 27.90 -13.17
N LEU F 8 6.14 27.29 -13.24
CA LEU F 8 5.53 26.63 -12.05
C LEU F 8 5.67 25.11 -12.15
N PRO F 9 5.72 24.41 -11.01
CA PRO F 9 5.48 22.96 -11.00
C PRO F 9 4.02 22.68 -11.42
N ALA F 10 3.82 21.69 -12.26
CA ALA F 10 2.49 21.24 -12.72
C ALA F 10 1.61 20.83 -11.52
N GLY F 11 2.19 20.43 -10.39
CA GLY F 11 1.45 20.03 -9.17
C GLY F 11 1.25 21.18 -8.18
N ALA F 12 1.74 22.40 -8.47
CA ALA F 12 1.52 23.56 -7.59
C ALA F 12 0.07 24.04 -7.66
N ASP F 13 -0.34 24.78 -6.64
CA ASP F 13 -1.63 25.51 -6.57
C ASP F 13 -2.77 24.50 -6.43
N PHE F 14 -2.50 23.37 -5.79
CA PHE F 14 -3.57 22.45 -5.35
C PHE F 14 -3.80 22.64 -3.86
N LEU F 15 -5.05 22.48 -3.45
CA LEU F 15 -5.42 22.43 -2.03
C LEU F 15 -6.35 21.21 -1.88
N MET F 16 -5.95 20.24 -1.07
CA MET F 16 -6.72 19.01 -0.86
C MET F 16 -7.31 19.10 0.54
N CYS F 17 -8.64 19.13 0.63
CA CYS F 17 -9.35 19.37 1.91
C CYS F 17 -10.05 18.06 2.29
N TYR F 18 -9.59 17.39 3.33
CA TYR F 18 -10.14 16.09 3.70
C TYR F 18 -10.94 16.26 5.00
N SER F 19 -11.96 15.44 5.16
CA SER F 19 -12.82 15.43 6.37
C SER F 19 -12.03 14.91 7.59
N VAL F 20 -10.96 14.14 7.37
CA VAL F 20 -10.18 13.46 8.44
CA VAL F 20 -10.17 13.46 8.44
C VAL F 20 -8.74 13.24 7.95
N ALA F 21 -7.79 13.03 8.88
CA ALA F 21 -6.42 12.59 8.55
C ALA F 21 -6.44 11.12 8.09
N GLU F 22 -5.44 10.69 7.34
CA GLU F 22 -5.32 9.30 6.88
C GLU F 22 -5.41 8.39 8.11
N GLY F 23 -6.15 7.30 7.99
CA GLY F 23 -6.17 6.21 9.00
C GLY F 23 -7.42 6.23 9.85
N TYR F 24 -8.24 7.29 9.77
CA TYR F 24 -9.33 7.51 10.74
C TYR F 24 -10.70 7.50 10.06
N TYR F 25 -11.69 7.10 10.85
CA TYR F 25 -13.12 7.28 10.54
C TYR F 25 -13.48 8.77 10.58
N SER F 26 -14.43 9.13 9.73
CA SER F 26 -15.17 10.41 9.74
C SER F 26 -16.57 10.14 10.29
N HIS F 27 -17.26 11.19 10.73
CA HIS F 27 -18.56 11.03 11.45
C HIS F 27 -19.64 11.94 10.89
N ARG F 28 -20.87 11.68 11.34
CA ARG F 28 -22.08 12.35 10.81
C ARG F 28 -23.07 12.50 11.97
N GLU F 29 -23.92 13.51 11.88
CA GLU F 29 -25.15 13.69 12.70
C GLU F 29 -26.19 12.80 12.02
N THR F 30 -27.11 12.27 12.81
CA THR F 30 -28.12 11.25 12.40
C THR F 30 -28.75 11.62 11.05
N VAL F 31 -29.16 12.89 10.84
CA VAL F 31 -29.99 13.31 9.65
C VAL F 31 -29.35 14.48 8.89
N ASN F 32 -28.74 15.45 9.56
CA ASN F 32 -28.40 16.76 8.94
C ASN F 32 -27.10 16.70 8.12
N GLY F 33 -26.44 15.54 8.04
CA GLY F 33 -25.20 15.39 7.24
C GLY F 33 -23.94 15.15 8.05
N SER F 34 -22.79 15.15 7.35
CA SER F 34 -21.49 14.86 7.94
C SER F 34 -21.10 16.02 8.86
N TRP F 35 -20.30 15.74 9.89
CA TRP F 35 -19.71 16.78 10.77
C TRP F 35 -18.95 17.76 9.89
N TYR F 36 -18.12 17.22 9.02
CA TYR F 36 -17.14 18.04 8.29
C TYR F 36 -17.88 18.99 7.32
N ILE F 37 -18.81 18.49 6.52
CA ILE F 37 -19.50 19.36 5.52
C ILE F 37 -20.42 20.33 6.27
N GLN F 38 -21.07 19.90 7.37
CA GLN F 38 -21.90 20.86 8.15
C GLN F 38 -21.03 22.04 8.62
N ASP F 39 -19.87 21.75 9.21
CA ASP F 39 -19.00 22.79 9.82
C ASP F 39 -18.33 23.61 8.72
N LEU F 40 -17.91 22.99 7.63
CA LEU F 40 -17.35 23.72 6.44
C LEU F 40 -18.40 24.72 5.95
N CYS F 41 -19.66 24.27 5.76
CA CYS F 41 -20.72 25.13 5.21
C CYS F 41 -21.05 26.27 6.20
N GLU F 42 -21.06 25.99 7.49
CA GLU F 42 -21.35 27.04 8.51
C GLU F 42 -20.27 28.11 8.40
N MET F 43 -19.01 27.69 8.33
CA MET F 43 -17.88 28.66 8.20
C MET F 43 -17.95 29.37 6.86
N LEU F 44 -18.30 28.70 5.75
CA LEU F 44 -18.45 29.39 4.45
C LEU F 44 -19.51 30.47 4.58
N GLY F 45 -20.64 30.14 5.21
CA GLY F 45 -21.76 31.10 5.39
C GLY F 45 -21.33 32.33 6.17
N LYS F 46 -20.58 32.16 7.25
CA LYS F 46 -20.18 33.30 8.12
C LYS F 46 -18.96 34.05 7.56
N TYR F 47 -17.99 33.34 6.97
CA TYR F 47 -16.64 33.90 6.69
C TYR F 47 -16.15 33.71 5.25
N GLY F 48 -16.86 32.97 4.40
CA GLY F 48 -16.36 32.56 3.07
C GLY F 48 -15.95 33.74 2.23
N SER F 49 -16.70 34.86 2.30
CA SER F 49 -16.45 36.02 1.42
C SER F 49 -15.45 37.00 2.05
N SER F 50 -14.88 36.72 3.22
CA SER F 50 -13.87 37.61 3.87
C SER F 50 -12.56 36.88 4.21
N LEU F 51 -12.60 35.75 4.88
CA LEU F 51 -11.36 35.13 5.42
C LEU F 51 -10.56 34.48 4.27
N GLU F 52 -9.25 34.44 4.44
CA GLU F 52 -8.36 33.60 3.59
C GLU F 52 -8.83 32.15 3.77
N PHE F 53 -8.88 31.40 2.69
CA PHE F 53 -9.59 30.10 2.70
C PHE F 53 -8.89 29.10 3.63
N THR F 54 -7.56 29.10 3.74
CA THR F 54 -6.87 28.20 4.71
C THR F 54 -7.14 28.66 6.15
N GLU F 55 -7.28 29.97 6.41
CA GLU F 55 -7.67 30.46 7.75
C GLU F 55 -9.06 29.88 8.08
N LEU F 56 -9.97 29.93 7.11
CA LEU F 56 -11.34 29.38 7.22
C LEU F 56 -11.28 27.88 7.49
N LEU F 57 -10.46 27.12 6.75
CA LEU F 57 -10.37 25.67 6.95
C LEU F 57 -9.84 25.38 8.37
N THR F 58 -8.99 26.27 8.91
CA THR F 58 -8.44 26.10 10.30
C THR F 58 -9.61 26.23 11.30
N LEU F 59 -10.52 27.18 11.05
CA LEU F 59 -11.73 27.33 11.92
C LEU F 59 -12.57 26.06 11.80
N VAL F 60 -12.68 25.49 10.60
CA VAL F 60 -13.42 24.22 10.41
C VAL F 60 -12.75 23.11 11.23
N ASN F 61 -11.43 23.04 11.25
CA ASN F 61 -10.74 22.04 12.10
C ASN F 61 -11.14 22.26 13.58
N ARG F 62 -11.18 23.50 14.03
CA ARG F 62 -11.54 23.79 15.44
CA ARG F 62 -11.55 23.79 15.43
C ARG F 62 -12.99 23.36 15.71
N LYS F 63 -13.90 23.68 14.81
CA LYS F 63 -15.35 23.35 14.96
C LYS F 63 -15.55 21.84 14.95
N VAL F 64 -14.95 21.13 14.00
CA VAL F 64 -15.16 19.66 13.95
C VAL F 64 -14.53 19.01 15.20
N SER F 65 -13.41 19.54 15.70
CA SER F 65 -12.70 19.01 16.90
C SER F 65 -13.60 19.08 18.16
N GLN F 66 -14.64 19.93 18.16
CA GLN F 66 -15.56 20.11 19.32
C GLN F 66 -16.60 19.00 19.33
N ARG F 67 -16.84 18.35 18.21
CA ARG F 67 -17.90 17.32 18.10
C ARG F 67 -17.50 16.02 18.80
N ARG F 68 -18.50 15.22 19.15
CA ARG F 68 -18.26 13.87 19.67
C ARG F 68 -19.41 12.98 19.22
N VAL F 69 -19.14 11.67 19.13
CA VAL F 69 -20.18 10.66 18.78
C VAL F 69 -21.10 10.56 20.00
N ASP F 70 -22.39 10.88 19.81
CA ASP F 70 -23.39 10.86 20.92
C ASP F 70 -24.19 9.56 20.88
N PHE F 71 -24.49 9.07 19.69
CA PHE F 71 -25.39 7.89 19.48
C PHE F 71 -24.70 6.94 18.50
N CYS F 72 -24.56 5.67 18.88
CA CYS F 72 -23.97 4.61 18.02
C CYS F 72 -24.41 3.25 18.56
N LYS F 73 -24.64 2.28 17.67
CA LYS F 73 -24.96 0.87 18.05
C LYS F 73 -23.71 0.26 18.66
N ASP F 74 -22.53 0.71 18.23
CA ASP F 74 -21.23 0.29 18.82
C ASP F 74 -20.95 1.23 20.00
N PRO F 75 -20.99 0.73 21.25
CA PRO F 75 -20.83 1.60 22.41
C PRO F 75 -19.40 2.13 22.55
N SER F 76 -18.43 1.39 22.00
CA SER F 76 -16.99 1.77 22.01
C SER F 76 -16.79 3.02 21.16
N ALA F 77 -17.72 3.39 20.29
CA ALA F 77 -17.60 4.61 19.43
C ALA F 77 -18.09 5.85 20.16
N ILE F 78 -18.87 5.69 21.23
CA ILE F 78 -19.46 6.86 21.95
C ILE F 78 -18.32 7.72 22.49
N GLY F 79 -18.43 9.03 22.29
CA GLY F 79 -17.44 10.02 22.79
C GLY F 79 -16.25 10.20 21.83
N LYS F 80 -16.18 9.43 20.75
CA LYS F 80 -15.02 9.46 19.83
C LYS F 80 -15.07 10.71 18.99
N LYS F 81 -13.95 11.00 18.33
CA LYS F 81 -13.61 12.35 17.87
C LYS F 81 -13.11 12.29 16.42
N GLN F 82 -12.94 13.48 15.87
CA GLN F 82 -12.41 13.67 14.50
C GLN F 82 -11.76 15.05 14.43
N VAL F 83 -10.60 15.12 13.81
CA VAL F 83 -10.07 16.40 13.28
C VAL F 83 -9.91 16.25 11.75
N PRO F 84 -10.35 17.24 10.96
CA PRO F 84 -10.11 17.24 9.52
C PRO F 84 -8.64 17.55 9.25
N CYS F 85 -8.29 17.54 7.98
CA CYS F 85 -6.89 17.77 7.55
C CYS F 85 -6.96 18.43 6.19
N PHE F 86 -6.28 19.56 6.00
CA PHE F 86 -6.12 20.12 4.64
C PHE F 86 -4.65 20.14 4.29
N ALA F 87 -4.36 19.78 3.06
CA ALA F 87 -2.98 19.68 2.52
C ALA F 87 -2.82 20.76 1.45
N SER F 88 -1.94 21.72 1.70
CA SER F 88 -1.77 22.90 0.82
C SER F 88 -0.47 22.80 0.01
N MET F 89 -0.66 22.89 -1.30
CA MET F 89 0.41 23.17 -2.29
CA MET F 89 0.41 23.17 -2.30
C MET F 89 0.15 24.55 -2.89
N LEU F 90 -0.62 25.39 -2.20
CA LEU F 90 -0.90 26.76 -2.66
C LEU F 90 0.36 27.63 -2.51
N THR F 91 0.45 28.67 -3.32
CA THR F 91 1.63 29.57 -3.35
C THR F 91 1.28 31.00 -2.99
N LYS F 92 0.01 31.30 -2.76
CA LYS F 92 -0.52 32.67 -2.54
C LYS F 92 -1.74 32.57 -1.62
N LYS F 93 -2.15 33.71 -1.08
CA LYS F 93 -3.40 33.87 -0.33
C LYS F 93 -4.61 33.72 -1.26
N LEU F 94 -5.61 32.99 -0.78
CA LEU F 94 -6.83 32.63 -1.52
C LEU F 94 -8.02 33.25 -0.78
N HIS F 95 -8.73 34.16 -1.43
CA HIS F 95 -9.93 34.86 -0.91
C HIS F 95 -11.04 34.70 -1.94
N PHE F 96 -12.29 34.69 -1.47
CA PHE F 96 -13.50 34.70 -2.32
C PHE F 96 -14.29 35.97 -2.06
N PHE F 97 -13.66 37.12 -2.22
CA PHE F 97 -14.35 38.42 -2.06
C PHE F 97 -15.49 38.52 -3.07
N PRO F 98 -16.59 39.22 -2.72
CA PRO F 98 -17.73 39.34 -3.63
C PRO F 98 -17.25 39.89 -5.00
N LYS F 99 -17.75 39.33 -6.09
CA LYS F 99 -17.38 39.78 -7.46
C LYS F 99 -18.31 40.89 -7.95
N MET G 1 14.32 -32.62 -25.91
CA MET G 1 13.11 -33.43 -25.54
C MET G 1 12.61 -32.97 -24.16
N PHE G 2 11.33 -32.57 -24.09
CA PHE G 2 10.69 -31.98 -22.89
C PHE G 2 10.23 -33.12 -21.99
N ASP G 3 10.89 -33.33 -20.84
CA ASP G 3 10.55 -34.42 -19.88
C ASP G 3 9.64 -33.87 -18.78
N PRO G 4 8.37 -34.30 -18.71
CA PRO G 4 7.45 -33.80 -17.69
C PRO G 4 7.84 -34.23 -16.26
N ALA G 5 8.70 -35.23 -16.11
CA ALA G 5 9.16 -35.77 -14.80
C ALA G 5 10.53 -35.18 -14.45
N GLU G 6 10.98 -34.13 -15.14
CA GLU G 6 12.34 -33.59 -14.95
C GLU G 6 12.49 -33.09 -13.50
N LYS G 7 13.59 -33.47 -12.86
CA LYS G 7 13.92 -33.16 -11.45
C LYS G 7 15.07 -32.17 -11.40
N TYR G 8 15.09 -31.26 -10.43
CA TYR G 8 16.34 -30.50 -10.14
C TYR G 8 17.45 -31.53 -9.90
N LYS G 9 18.65 -31.18 -10.38
CA LYS G 9 19.92 -31.91 -10.07
C LYS G 9 20.21 -31.79 -8.57
N MET G 10 20.14 -32.90 -7.83
CA MET G 10 20.34 -32.90 -6.36
C MET G 10 21.48 -33.87 -5.99
N ASP G 11 22.50 -33.98 -6.83
CA ASP G 11 23.65 -34.89 -6.61
C ASP G 11 24.94 -34.07 -6.51
N HIS G 12 24.87 -32.85 -6.00
CA HIS G 12 26.06 -32.03 -5.65
C HIS G 12 26.70 -32.59 -4.38
N ARG G 13 27.92 -32.16 -4.08
CA ARG G 13 28.68 -32.62 -2.88
C ARG G 13 27.86 -32.33 -1.62
N ARG G 14 27.20 -31.17 -1.55
CA ARG G 14 26.48 -30.71 -0.33
C ARG G 14 24.99 -30.47 -0.66
N ARG G 15 24.11 -30.71 0.30
CA ARG G 15 22.72 -30.27 0.15
C ARG G 15 22.66 -28.74 0.03
N GLY G 16 23.39 -28.06 0.94
CA GLY G 16 23.43 -26.60 0.99
C GLY G 16 23.05 -26.08 2.35
N ILE G 17 23.00 -24.77 2.49
CA ILE G 17 22.77 -24.09 3.79
C ILE G 17 21.27 -23.96 4.02
N ALA G 18 20.84 -24.20 5.25
CA ALA G 18 19.52 -23.78 5.75
C ALA G 18 19.75 -22.69 6.81
N LEU G 19 19.46 -21.43 6.46
CA LEU G 19 19.61 -20.26 7.36
CA LEU G 19 19.60 -20.25 7.35
C LEU G 19 18.29 -20.10 8.14
N ILE G 20 18.35 -19.99 9.45
CA ILE G 20 17.14 -19.80 10.30
C ILE G 20 17.30 -18.52 11.13
N PHE G 21 16.44 -17.55 10.89
CA PHE G 21 16.34 -16.30 11.68
C PHE G 21 15.19 -16.47 12.64
N ASN G 22 15.54 -16.61 13.91
CA ASN G 22 14.60 -16.96 14.98
C ASN G 22 14.38 -15.72 15.86
N HIS G 23 13.14 -15.22 15.95
CA HIS G 23 12.84 -13.94 16.65
C HIS G 23 11.82 -14.21 17.74
N GLU G 24 12.24 -14.12 18.99
CA GLU G 24 11.36 -14.46 20.14
C GLU G 24 10.85 -13.18 20.81
N ARG G 25 11.71 -12.17 20.93
CA ARG G 25 11.39 -10.91 21.62
C ARG G 25 11.84 -9.76 20.73
N PHE G 26 11.26 -8.58 20.95
CA PHE G 26 11.47 -7.41 20.08
C PHE G 26 11.82 -6.21 20.94
N PHE G 27 12.49 -5.26 20.31
CA PHE G 27 12.79 -3.94 20.90
C PHE G 27 11.49 -3.40 21.52
N TRP G 28 11.58 -3.02 22.78
CA TRP G 28 10.39 -2.70 23.62
C TRP G 28 9.50 -1.68 22.88
N HIS G 29 10.10 -0.74 22.16
CA HIS G 29 9.36 0.39 21.51
CA HIS G 29 9.41 0.39 21.49
C HIS G 29 8.65 -0.07 20.23
N LEU G 30 8.82 -1.33 19.79
CA LEU G 30 8.01 -1.85 18.65
C LEU G 30 6.62 -2.30 19.13
N THR G 31 6.45 -2.55 20.43
CA THR G 31 5.15 -3.00 21.02
C THR G 31 4.66 -4.23 20.25
N LEU G 32 5.55 -5.21 20.03
CA LEU G 32 5.21 -6.47 19.34
C LEU G 32 5.10 -7.54 20.41
N PRO G 33 4.12 -8.44 20.32
CA PRO G 33 4.03 -9.55 21.27
C PRO G 33 5.20 -10.54 21.13
N GLU G 34 5.64 -11.08 22.26
CA GLU G 34 6.74 -12.07 22.31
C GLU G 34 6.23 -13.34 21.64
N ARG G 35 7.13 -14.13 21.07
CA ARG G 35 6.80 -15.35 20.27
C ARG G 35 7.30 -16.57 21.05
N ARG G 36 6.82 -16.72 22.28
CA ARG G 36 7.17 -17.90 23.14
C ARG G 36 6.74 -19.18 22.37
N GLY G 37 7.66 -20.13 22.23
CA GLY G 37 7.43 -21.37 21.47
C GLY G 37 8.27 -21.37 20.21
N THR G 38 8.80 -20.22 19.80
CA THR G 38 9.60 -20.13 18.56
C THR G 38 10.85 -20.99 18.70
N CYS G 39 11.44 -21.12 19.90
CA CYS G 39 12.69 -21.88 20.04
C CYS G 39 12.38 -23.37 19.78
N ALA G 40 11.19 -23.86 20.09
CA ALA G 40 10.77 -25.24 19.73
C ALA G 40 10.70 -25.37 18.20
N ASP G 41 10.14 -24.36 17.53
CA ASP G 41 10.07 -24.33 16.05
C ASP G 41 11.49 -24.39 15.48
N ARG G 42 12.37 -23.52 15.98
CA ARG G 42 13.76 -23.41 15.50
C ARG G 42 14.45 -24.78 15.63
N ASP G 43 14.33 -25.41 16.79
CA ASP G 43 14.99 -26.71 17.09
C ASP G 43 14.40 -27.81 16.19
N ASN G 44 13.08 -27.82 16.03
CA ASN G 44 12.35 -28.82 15.20
C ASN G 44 12.85 -28.73 13.76
N LEU G 45 12.90 -27.52 13.22
CA LEU G 45 13.45 -27.28 11.86
C LEU G 45 14.92 -27.69 11.76
N THR G 46 15.71 -27.37 12.77
CA THR G 46 17.17 -27.66 12.73
C THR G 46 17.34 -29.19 12.59
N ARG G 47 16.59 -29.95 13.37
CA ARG G 47 16.66 -31.44 13.34
C ARG G 47 16.23 -31.92 11.95
N ARG G 48 15.09 -31.44 11.45
CA ARG G 48 14.49 -31.99 10.20
C ARG G 48 15.38 -31.62 9.01
N PHE G 49 15.88 -30.38 8.95
CA PHE G 49 16.73 -29.95 7.82
C PHE G 49 18.08 -30.65 7.94
N SER G 50 18.63 -30.81 9.14
CA SER G 50 19.93 -31.54 9.31
C SER G 50 19.78 -32.97 8.78
N ASP G 51 18.66 -33.62 9.06
CA ASP G 51 18.42 -35.02 8.64
C ASP G 51 18.32 -35.11 7.12
N LEU G 52 18.00 -34.00 6.44
CA LEU G 52 17.94 -33.94 4.95
C LEU G 52 19.30 -33.51 4.37
N GLY G 53 20.34 -33.38 5.21
CA GLY G 53 21.71 -33.06 4.76
C GLY G 53 22.06 -31.59 4.78
N PHE G 54 21.15 -30.70 5.17
CA PHE G 54 21.44 -29.22 5.21
C PHE G 54 22.46 -28.91 6.31
N GLU G 55 23.33 -27.95 6.02
CA GLU G 55 24.17 -27.22 7.00
C GLU G 55 23.28 -26.13 7.62
N VAL G 56 22.75 -26.37 8.81
CA VAL G 56 21.79 -25.43 9.45
C VAL G 56 22.57 -24.36 10.21
N LYS G 57 22.31 -23.10 9.92
CA LYS G 57 22.92 -21.95 10.63
C LYS G 57 21.80 -21.13 11.21
N CYS G 58 21.69 -21.10 12.52
CA CYS G 58 20.59 -20.42 13.25
CA CYS G 58 20.60 -20.39 13.19
C CYS G 58 21.11 -19.12 13.85
N PHE G 59 20.30 -18.07 13.81
CA PHE G 59 20.62 -16.75 14.46
C PHE G 59 19.40 -16.31 15.24
N ASN G 60 19.60 -15.94 16.51
CA ASN G 60 18.51 -15.58 17.44
C ASN G 60 18.46 -14.06 17.65
N ASP G 61 17.30 -13.46 17.41
CA ASP G 61 16.96 -12.05 17.76
C ASP G 61 17.99 -11.08 17.18
N LEU G 62 18.44 -11.30 15.94
CA LEU G 62 19.36 -10.35 15.29
C LEU G 62 18.66 -9.01 15.07
N LYS G 63 19.43 -7.95 15.23
CA LYS G 63 19.00 -6.60 14.80
C LYS G 63 19.12 -6.50 13.27
N ALA G 64 18.48 -5.52 12.70
CA ALA G 64 18.40 -5.32 11.22
C ALA G 64 19.81 -5.33 10.61
N GLU G 65 20.76 -4.59 11.20
CA GLU G 65 22.12 -4.52 10.60
C GLU G 65 22.76 -5.91 10.58
N GLU G 66 22.68 -6.62 11.69
CA GLU G 66 23.28 -7.96 11.87
C GLU G 66 22.62 -8.95 10.90
N LEU G 67 21.29 -8.88 10.78
CA LEU G 67 20.54 -9.85 9.90
C LEU G 67 20.96 -9.60 8.46
N LEU G 68 20.99 -8.35 8.04
CA LEU G 68 21.40 -7.98 6.66
C LEU G 68 22.85 -8.40 6.38
N LEU G 69 23.76 -8.16 7.30
CA LEU G 69 25.18 -8.55 7.14
C LEU G 69 25.24 -10.06 6.93
N LYS G 70 24.54 -10.82 7.78
CA LYS G 70 24.60 -12.30 7.76
C LYS G 70 24.04 -12.82 6.43
N ILE G 71 22.88 -12.33 6.01
CA ILE G 71 22.22 -12.87 4.79
C ILE G 71 23.01 -12.43 3.57
N HIS G 72 23.54 -11.21 3.57
CA HIS G 72 24.41 -10.75 2.46
C HIS G 72 25.63 -11.69 2.35
N GLU G 73 26.25 -12.01 3.48
CA GLU G 73 27.43 -12.90 3.54
C GLU G 73 27.08 -14.25 2.91
N VAL G 74 25.94 -14.83 3.31
CA VAL G 74 25.54 -16.16 2.78
C VAL G 74 25.28 -16.06 1.28
N SER G 75 24.74 -14.93 0.79
CA SER G 75 24.42 -14.74 -0.64
C SER G 75 25.72 -14.62 -1.45
N THR G 76 26.84 -14.23 -0.83
CA THR G 76 28.09 -13.93 -1.58
C THR G 76 29.13 -15.05 -1.43
N VAL G 77 28.91 -16.05 -0.58
CA VAL G 77 29.76 -17.27 -0.57
C VAL G 77 29.26 -18.16 -1.72
N SER G 78 30.11 -19.06 -2.20
CA SER G 78 29.80 -19.94 -3.34
C SER G 78 28.85 -21.05 -2.91
N HIS G 79 27.77 -21.23 -3.65
CA HIS G 79 26.84 -22.39 -3.54
C HIS G 79 27.11 -23.38 -4.68
N ALA G 80 28.24 -23.26 -5.38
CA ALA G 80 28.50 -24.05 -6.62
C ALA G 80 28.45 -25.55 -6.33
N ASP G 81 28.82 -26.00 -5.12
CA ASP G 81 28.84 -27.45 -4.79
C ASP G 81 27.60 -27.83 -3.97
N ALA G 82 26.54 -27.01 -4.00
CA ALA G 82 25.30 -27.23 -3.22
C ALA G 82 24.12 -27.48 -4.16
N ASP G 83 23.17 -28.28 -3.69
CA ASP G 83 21.89 -28.59 -4.38
C ASP G 83 20.97 -27.37 -4.34
N CYS G 84 20.95 -26.65 -3.23
CA CYS G 84 19.88 -25.63 -3.04
C CYS G 84 20.18 -24.75 -1.85
N PHE G 85 19.25 -23.83 -1.59
CA PHE G 85 19.36 -22.87 -0.48
C PHE G 85 18.01 -22.80 0.21
N VAL G 86 18.02 -22.85 1.54
CA VAL G 86 16.81 -22.65 2.38
C VAL G 86 17.05 -21.47 3.33
N CYS G 87 16.08 -20.60 3.45
CA CYS G 87 16.10 -19.46 4.38
C CYS G 87 14.77 -19.44 5.12
N VAL G 88 14.80 -19.46 6.43
CA VAL G 88 13.58 -19.47 7.28
C VAL G 88 13.54 -18.19 8.11
N PHE G 89 12.38 -17.55 8.15
CA PHE G 89 12.09 -16.43 9.07
C PHE G 89 10.99 -16.87 10.03
N LEU G 90 11.29 -16.84 11.32
CA LEU G 90 10.31 -17.06 12.40
C LEU G 90 10.17 -15.72 13.15
N SER G 91 9.15 -14.95 12.84
CA SER G 91 9.05 -13.57 13.35
C SER G 91 7.64 -13.04 13.13
N HIS G 92 7.45 -11.77 13.44
CA HIS G 92 6.28 -10.99 13.00
C HIS G 92 6.60 -10.36 11.65
N GLY G 93 5.57 -10.02 10.90
CA GLY G 93 5.71 -9.25 9.66
C GLY G 93 4.72 -8.13 9.56
N GLU G 94 4.80 -7.33 8.50
CA GLU G 94 3.85 -6.23 8.21
C GLU G 94 3.92 -6.04 6.70
N GLY G 95 2.80 -6.23 5.99
CA GLY G 95 2.78 -6.14 4.52
C GLY G 95 3.86 -7.07 3.94
N ASN G 96 4.74 -6.52 3.11
CA ASN G 96 5.82 -7.28 2.45
C ASN G 96 7.12 -7.08 3.25
N HIS G 97 7.04 -6.99 4.56
CA HIS G 97 8.19 -6.79 5.49
C HIS G 97 8.21 -7.89 6.53
N ILE G 98 9.39 -8.22 7.00
CA ILE G 98 9.63 -9.09 8.17
C ILE G 98 10.32 -8.25 9.24
N TYR G 99 10.03 -8.52 10.51
CA TYR G 99 10.69 -7.84 11.65
C TYR G 99 11.98 -8.55 12.05
N ALA G 100 13.08 -7.79 12.08
CA ALA G 100 14.24 -8.11 12.93
C ALA G 100 13.90 -7.68 14.36
N TYR G 101 14.87 -7.71 15.25
CA TYR G 101 14.66 -7.35 16.68
C TYR G 101 14.15 -5.91 16.79
N ASP G 102 14.68 -5.00 15.96
CA ASP G 102 14.61 -3.53 16.17
C ASP G 102 13.79 -2.83 15.09
N ALA G 103 13.54 -3.48 13.95
CA ALA G 103 12.95 -2.78 12.79
C ALA G 103 12.52 -3.79 11.76
N LYS G 104 11.66 -3.35 10.84
CA LYS G 104 11.22 -4.21 9.73
C LYS G 104 12.10 -4.04 8.51
N ILE G 105 12.15 -5.09 7.70
CA ILE G 105 13.01 -5.19 6.49
C ILE G 105 12.10 -5.65 5.35
N GLU G 106 12.22 -5.03 4.18
CA GLU G 106 11.46 -5.43 2.96
C GLU G 106 11.90 -6.85 2.59
N ILE G 107 10.94 -7.76 2.44
CA ILE G 107 11.26 -9.17 2.09
C ILE G 107 11.96 -9.19 0.73
N GLN G 108 11.61 -8.28 -0.18
CA GLN G 108 12.19 -8.24 -1.55
C GLN G 108 13.68 -7.94 -1.46
N THR G 109 14.14 -7.17 -0.46
CA THR G 109 15.62 -6.93 -0.31
CA THR G 109 15.60 -6.92 -0.25
C THR G 109 16.31 -8.25 0.05
N LEU G 110 15.65 -9.11 0.80
CA LEU G 110 16.27 -10.38 1.29
C LEU G 110 16.24 -11.45 0.18
N THR G 111 15.11 -11.62 -0.52
CA THR G 111 15.01 -12.57 -1.66
C THR G 111 15.88 -12.08 -2.80
N GLY G 112 15.96 -10.76 -2.98
CA GLY G 112 16.70 -10.16 -4.10
C GLY G 112 18.16 -10.57 -4.14
N LEU G 113 18.78 -10.77 -2.98
CA LEU G 113 20.21 -11.17 -2.85
C LEU G 113 20.47 -12.51 -3.54
N PHE G 114 19.44 -13.35 -3.71
CA PHE G 114 19.57 -14.74 -4.19
C PHE G 114 19.02 -14.87 -5.61
N LYS G 115 18.57 -13.76 -6.19
CA LYS G 115 18.14 -13.78 -7.61
C LYS G 115 19.35 -14.09 -8.50
N GLY G 116 19.08 -14.60 -9.70
CA GLY G 116 20.10 -15.13 -10.61
C GLY G 116 21.19 -14.11 -10.92
N ASP G 117 20.84 -12.83 -10.98
CA ASP G 117 21.79 -11.76 -11.38
C ASP G 117 22.67 -11.33 -10.20
N LYS G 118 22.29 -11.68 -8.97
CA LYS G 118 23.06 -11.35 -7.75
C LYS G 118 23.79 -12.57 -7.22
N CYS G 119 23.25 -13.78 -7.43
CA CYS G 119 23.83 -15.02 -6.87
C CYS G 119 24.00 -16.06 -7.98
N HIS G 120 25.10 -15.92 -8.76
CA HIS G 120 25.33 -16.78 -9.94
C HIS G 120 25.37 -18.26 -9.57
N SER G 121 25.93 -18.62 -8.43
CA SER G 121 26.14 -20.03 -8.03
C SER G 121 24.83 -20.72 -7.61
N LEU G 122 23.71 -19.99 -7.47
CA LEU G 122 22.39 -20.65 -7.23
C LEU G 122 21.55 -20.62 -8.52
N VAL G 123 22.09 -20.15 -9.64
CA VAL G 123 21.28 -20.13 -10.90
C VAL G 123 20.92 -21.57 -11.29
N GLY G 124 19.63 -21.81 -11.52
CA GLY G 124 19.11 -23.14 -11.88
C GLY G 124 18.88 -24.01 -10.67
N LYS G 125 19.08 -23.47 -9.47
CA LYS G 125 18.91 -24.22 -8.21
C LYS G 125 17.76 -23.62 -7.39
N PRO G 126 17.02 -24.47 -6.64
CA PRO G 126 15.91 -24.00 -5.83
C PRO G 126 16.37 -23.08 -4.71
N LYS G 127 15.70 -21.93 -4.58
CA LYS G 127 15.83 -21.00 -3.44
C LYS G 127 14.52 -21.08 -2.69
N ILE G 128 14.55 -21.58 -1.47
CA ILE G 128 13.32 -21.88 -0.70
C ILE G 128 13.29 -20.95 0.49
N PHE G 129 12.26 -20.08 0.55
CA PHE G 129 12.03 -19.18 1.70
C PHE G 129 10.81 -19.72 2.46
N ILE G 130 10.96 -19.85 3.76
CA ILE G 130 9.89 -20.31 4.67
C ILE G 130 9.65 -19.22 5.69
N ILE G 131 8.42 -18.71 5.74
CA ILE G 131 8.10 -17.54 6.61
C ILE G 131 6.92 -17.89 7.51
N GLN G 132 7.19 -18.03 8.80
CA GLN G 132 6.14 -18.16 9.85
C GLN G 132 5.94 -16.75 10.41
N ALA G 133 4.85 -16.13 10.01
CA ALA G 133 4.44 -14.75 10.39
C ALA G 133 2.97 -14.58 10.03
N CYS G 134 2.21 -13.89 10.86
CA CYS G 134 0.86 -13.40 10.53
C CYS G 134 0.99 -12.46 9.33
N ARG G 135 -0.01 -12.43 8.45
CA ARG G 135 0.04 -11.57 7.23
C ARG G 135 -1.17 -10.62 7.21
N GLY G 136 -1.76 -10.36 8.38
CA GLY G 136 -2.88 -9.40 8.50
C GLY G 136 -3.64 -9.67 9.76
N ASN G 137 -4.87 -9.14 9.86
CA ASN G 137 -5.57 -9.11 11.15
C ASN G 137 -6.96 -9.77 11.01
N GLN G 138 -7.16 -10.65 10.05
CA GLN G 138 -8.43 -11.43 9.93
C GLN G 138 -8.19 -12.87 10.41
N HIS G 139 -9.13 -13.42 11.18
CA HIS G 139 -9.14 -14.85 11.55
C HIS G 139 -9.96 -15.60 10.50
N ASP G 140 -9.42 -16.67 9.94
CA ASP G 140 -10.22 -17.53 9.03
C ASP G 140 -11.23 -18.30 9.88
N VAL G 141 -12.37 -18.62 9.30
CA VAL G 141 -13.53 -19.20 10.04
C VAL G 141 -13.74 -20.65 9.59
N PRO G 142 -14.27 -21.50 10.49
CA PRO G 142 -14.51 -22.91 10.17
C PRO G 142 -15.76 -23.16 9.34
N VAL G 143 -15.66 -24.10 8.40
CA VAL G 143 -16.80 -24.54 7.54
C VAL G 143 -16.79 -26.06 7.39
N ILE G 144 -17.94 -26.62 7.05
CA ILE G 144 -18.04 -28.10 6.86
C ILE G 144 -18.63 -28.39 5.50
N PRO G 145 -18.17 -29.47 4.84
CA PRO G 145 -18.63 -29.82 3.50
C PRO G 145 -20.14 -30.10 3.47
N LEU G 146 -20.80 -29.81 2.36
CA LEU G 146 -22.23 -30.18 2.13
C LEU G 146 -22.29 -31.71 2.01
N ASP G 147 -23.11 -32.40 2.83
CA ASP G 147 -23.13 -33.88 2.93
C ASP G 147 -23.50 -34.51 1.57
N SER H 4 19.85 -24.88 -21.32
CA SER H 4 20.95 -25.33 -22.21
C SER H 4 21.08 -24.36 -23.39
N VAL H 5 19.98 -24.14 -24.12
CA VAL H 5 19.91 -23.17 -25.26
C VAL H 5 19.29 -21.84 -24.76
N TYR H 6 18.54 -21.89 -23.67
CA TYR H 6 17.66 -20.78 -23.21
C TYR H 6 18.27 -20.09 -21.99
N THR H 7 18.05 -18.79 -21.83
CA THR H 7 18.34 -18.09 -20.56
C THR H 7 17.21 -18.43 -19.56
N LEU H 8 17.48 -18.19 -18.29
CA LEU H 8 16.46 -18.26 -17.21
C LEU H 8 16.12 -16.85 -16.73
N PRO H 9 14.88 -16.67 -16.23
CA PRO H 9 14.53 -15.44 -15.51
C PRO H 9 15.33 -15.44 -14.20
N ALA H 10 15.87 -14.29 -13.82
CA ALA H 10 16.60 -14.12 -12.54
C ALA H 10 15.70 -14.50 -11.35
N GLY H 11 14.38 -14.39 -11.49
CA GLY H 11 13.39 -14.70 -10.43
C GLY H 11 12.86 -16.12 -10.50
N ALA H 12 13.30 -16.96 -11.44
CA ALA H 12 12.88 -18.37 -11.52
C ALA H 12 13.50 -19.19 -10.37
N ASP H 13 12.88 -20.33 -10.09
CA ASP H 13 13.41 -21.36 -9.15
C ASP H 13 13.35 -20.82 -7.72
N PHE H 14 12.39 -19.95 -7.42
CA PHE H 14 12.06 -19.58 -6.03
C PHE H 14 10.81 -20.33 -5.60
N LEU H 15 10.76 -20.66 -4.32
CA LEU H 15 9.55 -21.22 -3.67
C LEU H 15 9.39 -20.46 -2.37
N MET H 16 8.28 -19.76 -2.22
CA MET H 16 7.97 -18.96 -1.00
C MET H 16 6.91 -19.70 -0.22
N CYS H 17 7.23 -20.18 0.97
CA CYS H 17 6.33 -21.04 1.79
C CYS H 17 5.86 -20.20 2.96
N TYR H 18 4.56 -19.87 3.01
CA TYR H 18 4.03 -19.00 4.07
C TYR H 18 3.15 -19.82 5.01
N SER H 19 3.12 -19.44 6.27
CA SER H 19 2.26 -20.08 7.30
C SER H 19 0.79 -19.81 7.02
N VAL H 20 0.46 -18.75 6.27
CA VAL H 20 -0.94 -18.29 6.02
C VAL H 20 -1.00 -17.53 4.70
N ALA H 21 -2.20 -17.40 4.11
CA ALA H 21 -2.47 -16.51 2.96
C ALA H 21 -2.39 -15.05 3.41
N GLU H 22 -2.13 -14.13 2.49
CA GLU H 22 -2.09 -12.68 2.80
C GLU H 22 -3.43 -12.31 3.45
N GLY H 23 -3.40 -11.47 4.47
CA GLY H 23 -4.58 -10.89 5.13
C GLY H 23 -4.94 -11.58 6.44
N TYR H 24 -4.32 -12.72 6.79
CA TYR H 24 -4.83 -13.56 7.89
C TYR H 24 -3.79 -13.71 9.00
N TYR H 25 -4.29 -13.87 10.22
CA TYR H 25 -3.53 -14.35 11.39
C TYR H 25 -3.06 -15.80 11.20
N SER H 26 -1.88 -16.08 11.73
CA SER H 26 -1.35 -17.45 11.96
C SER H 26 -1.49 -17.79 13.44
N HIS H 27 -1.46 -19.08 13.77
CA HIS H 27 -1.77 -19.55 15.14
C HIS H 27 -0.65 -20.42 15.70
N ARG H 28 -0.73 -20.67 17.01
CA ARG H 28 0.32 -21.43 17.73
C ARG H 28 -0.35 -22.25 18.83
N GLU H 29 0.29 -23.36 19.21
CA GLU H 29 0.00 -24.11 20.45
C GLU H 29 0.74 -23.39 21.57
N THR H 30 0.21 -23.43 22.78
CA THR H 30 0.71 -22.70 23.98
C THR H 30 2.25 -22.76 24.06
N VAL H 31 2.85 -23.95 23.92
CA VAL H 31 4.31 -24.18 24.23
C VAL H 31 5.04 -24.89 23.08
N ASN H 32 4.37 -25.75 22.30
CA ASN H 32 5.03 -26.66 21.33
C ASN H 32 5.38 -25.94 20.01
N GLY H 33 5.03 -24.66 19.87
CA GLY H 33 5.36 -23.85 18.68
C GLY H 33 4.16 -23.51 17.79
N SER H 34 4.44 -22.96 16.62
CA SER H 34 3.40 -22.50 15.67
C SER H 34 2.74 -23.76 15.06
N TRP H 35 1.48 -23.65 14.68
CA TRP H 35 0.77 -24.73 13.95
C TRP H 35 1.60 -25.14 12.73
N TYR H 36 1.98 -24.13 11.96
CA TYR H 36 2.58 -24.34 10.63
C TYR H 36 3.92 -25.04 10.79
N ILE H 37 4.83 -24.56 11.65
CA ILE H 37 6.18 -25.17 11.73
C ILE H 37 6.04 -26.57 12.34
N GLN H 38 5.14 -26.76 13.31
CA GLN H 38 4.92 -28.11 13.90
C GLN H 38 4.54 -29.10 12.79
N ASP H 39 3.55 -28.73 11.97
CA ASP H 39 3.00 -29.63 10.93
C ASP H 39 4.03 -29.79 9.79
N LEU H 40 4.73 -28.73 9.41
CA LEU H 40 5.84 -28.82 8.42
C LEU H 40 6.87 -29.83 8.90
N CYS H 41 7.31 -29.72 10.16
CA CYS H 41 8.38 -30.60 10.70
C CYS H 41 7.89 -32.04 10.78
N GLU H 42 6.63 -32.27 11.14
CA GLU H 42 6.08 -33.64 11.21
C GLU H 42 6.13 -34.26 9.81
N MET H 43 5.71 -33.51 8.79
CA MET H 43 5.73 -34.01 7.40
C MET H 43 7.17 -34.15 6.93
N LEU H 44 8.09 -33.27 7.30
CA LEU H 44 9.51 -33.45 6.89
C LEU H 44 10.04 -34.76 7.51
N GLY H 45 9.70 -35.03 8.78
CA GLY H 45 10.15 -36.24 9.48
C GLY H 45 9.65 -37.51 8.78
N LYS H 46 8.38 -37.54 8.39
CA LYS H 46 7.75 -38.74 7.79
C LYS H 46 8.07 -38.85 6.29
N TYR H 47 8.12 -37.74 5.55
CA TYR H 47 8.07 -37.76 4.07
C TYR H 47 9.19 -36.93 3.39
N GLY H 48 10.01 -36.21 4.14
CA GLY H 48 10.95 -35.22 3.56
C GLY H 48 11.89 -35.85 2.54
N SER H 49 12.34 -37.07 2.80
CA SER H 49 13.38 -37.72 1.95
C SER H 49 12.73 -38.53 0.81
N SER H 50 11.39 -38.54 0.70
CA SER H 50 10.72 -39.31 -0.38
C SER H 50 9.79 -38.45 -1.25
N LEU H 51 8.88 -37.67 -0.64
CA LEU H 51 7.86 -36.94 -1.44
C LEU H 51 8.49 -35.74 -2.15
N GLU H 52 7.91 -35.37 -3.29
CA GLU H 52 8.20 -34.09 -3.96
C GLU H 52 7.86 -32.97 -2.96
N PHE H 53 8.68 -31.94 -2.88
CA PHE H 53 8.56 -30.97 -1.75
C PHE H 53 7.24 -30.20 -1.80
N THR H 54 6.71 -29.86 -2.98
CA THR H 54 5.37 -29.18 -3.08
C THR H 54 4.26 -30.16 -2.71
N GLU H 55 4.41 -31.46 -3.01
CA GLU H 55 3.43 -32.49 -2.58
C GLU H 55 3.42 -32.52 -1.04
N LEU H 56 4.60 -32.47 -0.43
CA LEU H 56 4.76 -32.43 1.04
C LEU H 56 4.11 -31.15 1.59
N LEU H 57 4.35 -30.00 0.99
CA LEU H 57 3.74 -28.73 1.47
C LEU H 57 2.21 -28.82 1.39
N THR H 58 1.68 -29.53 0.41
CA THR H 58 0.20 -29.71 0.28
C THR H 58 -0.30 -30.53 1.49
N LEU H 59 0.44 -31.55 1.91
CA LEU H 59 0.07 -32.32 3.13
C LEU H 59 0.11 -31.40 4.34
N VAL H 60 1.07 -30.50 4.40
CA VAL H 60 1.15 -29.49 5.49
C VAL H 60 -0.10 -28.61 5.46
N ASN H 61 -0.55 -28.18 4.29
CA ASN H 61 -1.82 -27.42 4.16
C ASN H 61 -2.98 -28.25 4.75
N ARG H 62 -3.04 -29.55 4.43
CA ARG H 62 -4.12 -30.41 4.94
C ARG H 62 -4.05 -30.51 6.48
N LYS H 63 -2.86 -30.71 7.02
CA LYS H 63 -2.64 -30.86 8.50
C LYS H 63 -3.00 -29.58 9.22
N VAL H 64 -2.50 -28.45 8.73
CA VAL H 64 -2.80 -27.17 9.43
C VAL H 64 -4.30 -26.87 9.35
N SER H 65 -4.97 -27.20 8.22
CA SER H 65 -6.41 -26.95 7.99
CA SER H 65 -6.41 -26.94 7.99
C SER H 65 -7.28 -27.71 9.00
N GLN H 66 -6.76 -28.76 9.61
CA GLN H 66 -7.50 -29.61 10.62
C GLN H 66 -7.51 -28.93 11.98
N ARG H 67 -6.57 -28.02 12.25
CA ARG H 67 -6.43 -27.40 13.58
C ARG H 67 -7.54 -26.37 13.83
N ARG H 68 -7.79 -26.07 15.09
CA ARG H 68 -8.64 -24.93 15.48
C ARG H 68 -8.09 -24.29 16.76
N VAL H 69 -8.41 -23.03 16.98
CA VAL H 69 -8.03 -22.33 18.24
C VAL H 69 -8.95 -22.90 19.34
N ASP H 70 -8.37 -23.54 20.35
CA ASP H 70 -9.09 -24.08 21.53
C ASP H 70 -9.01 -23.07 22.69
N PHE H 71 -7.85 -22.43 22.89
CA PHE H 71 -7.58 -21.56 24.07
C PHE H 71 -7.05 -20.21 23.61
N CYS H 72 -7.70 -19.13 24.07
CA CYS H 72 -7.37 -17.74 23.71
C CYS H 72 -7.96 -16.78 24.73
N LYS H 73 -7.22 -15.75 25.09
CA LYS H 73 -7.70 -14.67 26.02
C LYS H 73 -8.77 -13.87 25.28
N ASP H 74 -8.67 -13.78 23.94
CA ASP H 74 -9.73 -13.18 23.10
C ASP H 74 -10.73 -14.28 22.74
N PRO H 75 -11.96 -14.26 23.27
CA PRO H 75 -12.91 -15.34 23.05
C PRO H 75 -13.41 -15.41 21.60
N SER H 76 -13.36 -14.29 20.88
CA SER H 76 -13.78 -14.19 19.46
C SER H 76 -12.82 -15.02 18.58
N ALA H 77 -11.60 -15.34 19.06
CA ALA H 77 -10.61 -16.10 18.27
C ALA H 77 -10.82 -17.60 18.45
N ILE H 78 -11.55 -18.03 19.50
CA ILE H 78 -11.79 -19.47 19.75
C ILE H 78 -12.53 -20.03 18.53
N GLY H 79 -12.12 -21.20 18.04
CA GLY H 79 -12.76 -21.88 16.91
C GLY H 79 -12.18 -21.49 15.57
N LYS H 80 -11.30 -20.48 15.55
CA LYS H 80 -10.79 -19.94 14.27
C LYS H 80 -9.80 -20.91 13.63
N LYS H 81 -9.49 -20.63 12.36
CA LYS H 81 -8.83 -21.60 11.47
C LYS H 81 -7.69 -20.91 10.71
N GLN H 82 -6.91 -21.74 10.02
CA GLN H 82 -5.75 -21.27 9.23
C GLN H 82 -5.46 -22.28 8.12
N VAL H 83 -5.22 -21.78 6.91
CA VAL H 83 -4.58 -22.60 5.85
C VAL H 83 -3.28 -21.90 5.46
N PRO H 84 -2.16 -22.64 5.32
CA PRO H 84 -0.95 -22.05 4.80
C PRO H 84 -1.07 -21.81 3.30
N CYS H 85 -0.03 -21.24 2.73
CA CYS H 85 -0.02 -20.93 1.29
C CYS H 85 1.43 -21.00 0.82
N PHE H 86 1.72 -21.75 -0.23
CA PHE H 86 3.08 -21.72 -0.83
C PHE H 86 2.94 -21.18 -2.24
N ALA H 87 3.90 -20.34 -2.63
CA ALA H 87 3.94 -19.70 -3.96
C ALA H 87 5.16 -20.25 -4.73
N SER H 88 4.90 -20.98 -5.81
CA SER H 88 5.96 -21.68 -6.58
C SER H 88 6.28 -20.96 -7.88
N MET H 89 7.56 -20.59 -8.00
CA MET H 89 8.22 -20.19 -9.27
CA MET H 89 8.23 -20.18 -9.26
C MET H 89 9.22 -21.27 -9.66
N LEU H 90 9.03 -22.50 -9.14
CA LEU H 90 9.89 -23.65 -9.48
C LEU H 90 9.60 -24.11 -10.90
N THR H 91 10.59 -24.70 -11.55
CA THR H 91 10.49 -25.13 -12.96
C THR H 91 10.68 -26.65 -13.09
N LYS H 92 11.02 -27.33 -11.99
CA LYS H 92 11.25 -28.79 -11.98
C LYS H 92 10.74 -29.38 -10.66
N LYS H 93 10.71 -30.71 -10.60
CA LYS H 93 10.37 -31.48 -9.39
C LYS H 93 11.54 -31.40 -8.40
N LEU H 94 11.19 -31.21 -7.13
CA LEU H 94 12.14 -30.99 -6.03
C LEU H 94 12.01 -32.15 -5.05
N HIS H 95 13.07 -32.93 -4.91
CA HIS H 95 13.17 -34.05 -3.95
C HIS H 95 14.45 -33.84 -3.12
N PHE H 96 14.43 -34.35 -1.89
CA PHE H 96 15.58 -34.42 -0.99
C PHE H 96 15.90 -35.89 -0.70
N PHE H 97 16.13 -36.67 -1.76
CA PHE H 97 16.56 -38.09 -1.61
C PHE H 97 17.88 -38.13 -0.83
N PRO H 98 18.12 -39.21 -0.07
CA PRO H 98 19.36 -39.33 0.70
C PRO H 98 20.58 -39.18 -0.21
N LYS H 99 21.54 -38.36 0.21
CA LYS H 99 22.79 -38.14 -0.54
C LYS H 99 23.82 -39.19 -0.09
N SER H 100 24.82 -39.47 -0.93
CA SER H 100 25.96 -40.42 -0.72
C SER H 100 25.62 -41.80 -1.31
#